data_6BSJ
#
_entry.id   6BSJ
#
_cell.length_a   163.240
_cell.length_b   163.240
_cell.length_c   129.400
_cell.angle_alpha   90.00
_cell.angle_beta   90.00
_cell.angle_gamma   120.00
#
_symmetry.space_group_name_H-M   'P 31 2 1'
#
loop_
_entity.id
_entity.type
_entity.pdbx_description
1 polymer 'REVERSE TRANSCRIPTASE P66 SUBUNIT'
2 polymer 'REVERSE TRANSCRIPTASE P51 SUBUNIT'
3 polymer "DNA (5'-D(*GP*TP*AP*TP*GP*CP*CP*TP*AP*TP*AP*GP*TP*TP*AP*TP*TP*GP*TP*GP*GP*CP*C)-3')"
4 polymer 'RNA (25-MER)'
5 non-polymer (-)-6-CHLORO-4-CYCLOPROPYLETHYNYL-4-TRIFLUOROMETHYL-1,4-DIHYDRO-2H-3,1-BENZOXAZIN-2-ONE
6 non-polymer 'CALCIUM ION'
7 non-polymer GLYCEROL
8 non-polymer TRIS(HYDROXYETHYL)AMINOMETHANE
9 water water
#
loop_
_entity_poly.entity_id
_entity_poly.type
_entity_poly.pdbx_seq_one_letter_code
_entity_poly.pdbx_strand_id
1 'polypeptide(L)'
;GPISPIETVPVKLKPGMDGPKVKQWPLTEEKIKALVEICTEMEKEGKISKIGPENPYNTPVFAIKKKDGTKWRKLVDFRE
LNKKTQDFWEVQLGIPHPAGLKKKKSVTVLDVGDAYFSVPLDEDFRKYTAFTIPSINNETPGIRYQYNVLPQGWKGSPAI
FQSSMTKILEPFRKQNPDIVIYQYMDDLYVGSDLEIGQHRTKIEELRQHLLRWGLTTPDKKHQKEPPFLWMGYELHPDKW
TVQPIVLPEKDSWTVNDIQKLVGKLNWASQIYPGIKVRQLCKLLRGTKALTEVIPLTEEAELELAENREILKEPVHGVYY
DPSKDLIAEIQKQGQGQWTYQIYQEPFKNLKTGKYARMRGAHTNDVKQLTEAVQKITTESIVIWGKTPKFKLPIQKETWE
TWWTEYWQATWVPEWEFVNTPPLVKLWYQLEKEPIVGAETFYVDGAASRETKLGKAGYVTNKGRQKVVTLTDTTNQKTEL
QAIHLALQDSGLEVNIVTDSQYALGIIQAQPDQSESELVNQIIEQLIKKEKVYLAWVPAHKGIGGNEQVDKLVSAGIR
;
A
2 'polypeptide(L)'
;GPISPIETVPVKLKPGMDGPKVKQWPLTEEKIKALVEICTEMEKEGKISKIGPENPYNTPVFAIKKKDGTKWRKLVDFRE
LNKKTQDFWEVQLGIPHPAGLKKKKSVTVLDVGDAYFSVPLDEDFRKYTAFTIPSINNETPGIRYQYNVLPQGWKGSPAI
FQSSMTKILEPFRKQNPDIVIYQYMDDLYVGSDLEIGQHRTKIEELRQHLLRWGLTTPDKKHQKEPPFLWMGYELHPDKW
TVQPIVLPEKDSWTVNDIQKLVGKLNWASQIYPGIKVRQLCKLLRGTKALTEVIPLTEEAELELAENREILKEPVHGVYY
DPSKDLIAEIQKQGQGQWTYQIYQEPFKNLKTGKYARMRGAHTNDVKQLTEAVQKITTESIVIWGKTPKFKLPIQKETWE
TWWTEYWQATWVPEWEFVNTPPLVKLWYQLEKEPIVGAETF
;
B
3 'polydeoxyribonucleotide'
;(DG)(DT)(DA)(DT)(DG)(DC)(DC)(DT)(DA)(DT)(DA)(DG)(DT)(DT)(DA)(DT)(DT)(DG)(DT)(DG)
(DG)(DC)(DC)
;
D
4 'polyribonucleotide' GA(3DR)GGCCACAAUAACUAUAGGCAUA R
#
# COMPACT_ATOMS: atom_id res chain seq x y z
N PRO A 5 22.30 7.32 36.84
CA PRO A 5 23.29 6.52 36.10
C PRO A 5 22.64 5.75 34.95
N ILE A 6 23.18 5.88 33.73
CA ILE A 6 22.50 5.32 32.55
C ILE A 6 22.62 3.81 32.57
N GLU A 7 21.48 3.12 32.57
CA GLU A 7 21.51 1.67 32.65
C GLU A 7 21.77 1.07 31.28
N THR A 8 22.42 -0.09 31.27
CA THR A 8 22.76 -0.69 29.99
C THR A 8 21.56 -1.40 29.39
N VAL A 9 21.48 -1.33 28.06
CA VAL A 9 20.51 -2.10 27.28
C VAL A 9 21.12 -3.47 27.01
N PRO A 10 20.45 -4.56 27.37
CA PRO A 10 20.99 -5.91 27.14
C PRO A 10 20.99 -6.26 25.66
N VAL A 11 22.15 -6.67 25.16
CA VAL A 11 22.33 -6.95 23.74
C VAL A 11 22.85 -8.37 23.57
N LYS A 12 22.37 -9.04 22.54
CA LYS A 12 22.78 -10.41 22.26
C LYS A 12 23.15 -10.53 20.78
N LEU A 13 24.10 -11.43 20.49
CA LEU A 13 24.38 -11.82 19.12
C LEU A 13 23.17 -12.54 18.51
N LYS A 14 23.19 -12.72 17.19
CA LYS A 14 22.10 -13.41 16.50
C LYS A 14 22.20 -14.91 16.78
N PRO A 15 21.05 -15.59 16.86
CA PRO A 15 21.07 -17.02 17.24
C PRO A 15 22.00 -17.82 16.34
N GLY A 16 22.86 -18.60 16.99
CA GLY A 16 23.80 -19.45 16.30
C GLY A 16 25.16 -18.83 16.05
N MET A 17 25.25 -17.51 16.06
CA MET A 17 26.49 -16.82 15.73
C MET A 17 27.43 -16.75 16.93
N ASP A 18 28.72 -16.71 16.65
CA ASP A 18 29.74 -16.41 17.65
C ASP A 18 30.41 -15.09 17.29
N GLY A 19 31.23 -14.59 18.20
CA GLY A 19 31.85 -13.29 18.03
C GLY A 19 33.01 -13.31 17.05
N PRO A 20 33.45 -12.12 16.65
CA PRO A 20 34.47 -12.01 15.60
C PRO A 20 35.84 -12.48 16.06
N LYS A 21 36.55 -13.13 15.13
CA LYS A 21 37.89 -13.65 15.36
C LYS A 21 38.81 -13.29 14.19
N VAL A 22 38.76 -12.02 13.76
CA VAL A 22 39.53 -11.52 12.64
C VAL A 22 40.96 -11.23 13.05
N LYS A 23 41.90 -11.45 12.12
CA LYS A 23 43.31 -11.32 12.41
C LYS A 23 43.78 -9.88 12.25
N GLN A 24 44.73 -9.49 13.08
CA GLN A 24 45.29 -8.15 13.04
C GLN A 24 46.50 -8.14 12.11
N TRP A 25 46.45 -7.33 11.05
CA TRP A 25 47.63 -7.22 10.19
C TRP A 25 48.63 -6.26 10.82
N PRO A 26 49.93 -6.45 10.55
CA PRO A 26 50.92 -5.54 11.14
C PRO A 26 50.79 -4.15 10.55
N LEU A 27 51.17 -3.16 11.36
CA LEU A 27 50.97 -1.78 10.98
C LEU A 27 52.27 -1.00 11.10
N THR A 28 52.35 0.09 10.35
CA THR A 28 53.49 0.98 10.37
C THR A 28 53.82 1.41 11.81
N GLU A 29 55.09 1.76 12.04
CA GLU A 29 55.49 2.20 13.37
C GLU A 29 54.89 3.56 13.71
N GLU A 30 54.77 4.44 12.71
CA GLU A 30 54.12 5.74 12.93
C GLU A 30 52.64 5.58 13.23
N LYS A 31 52.01 4.53 12.69
CA LYS A 31 50.62 4.24 13.01
C LYS A 31 50.48 3.72 14.44
N ILE A 32 51.41 2.87 14.88
CA ILE A 32 51.29 2.25 16.19
C ILE A 32 51.41 3.29 17.30
N LYS A 33 52.39 4.18 17.20
CA LYS A 33 52.58 5.22 18.22
C LYS A 33 51.30 6.04 18.41
N ALA A 34 50.57 6.29 17.32
CA ALA A 34 49.34 7.08 17.42
C ALA A 34 48.21 6.28 18.06
N LEU A 35 48.21 4.96 17.89
CA LEU A 35 47.19 4.15 18.53
C LEU A 35 47.46 3.99 20.02
N VAL A 36 48.68 3.60 20.38
CA VAL A 36 49.01 3.45 21.79
C VAL A 36 48.78 4.76 22.54
N GLU A 37 48.94 5.91 21.86
CA GLU A 37 48.80 7.20 22.56
C GLU A 37 47.34 7.52 22.88
N ILE A 38 46.42 7.27 21.93
CA ILE A 38 45.02 7.56 22.20
C ILE A 38 44.32 6.38 22.88
N CYS A 39 44.86 5.17 22.76
CA CYS A 39 44.32 4.04 23.51
C CYS A 39 44.64 4.17 25.00
N THR A 40 45.81 4.70 25.36
CA THR A 40 46.10 4.86 26.78
C THR A 40 45.24 5.96 27.39
N GLU A 41 44.83 6.95 26.60
CA GLU A 41 43.91 7.96 27.08
C GLU A 41 42.52 7.38 27.34
N MET A 42 41.98 6.65 26.37
CA MET A 42 40.65 6.06 26.55
C MET A 42 40.64 5.09 27.72
N GLU A 43 41.74 4.38 27.94
CA GLU A 43 41.87 3.57 29.14
C GLU A 43 41.82 4.45 30.38
N LYS A 44 42.59 5.54 30.38
CA LYS A 44 42.62 6.43 31.55
C LYS A 44 41.22 6.92 31.92
N GLU A 45 40.38 7.18 30.91
CA GLU A 45 39.02 7.65 31.13
C GLU A 45 38.01 6.52 31.31
N GLY A 46 38.43 5.26 31.24
CA GLY A 46 37.52 4.17 31.46
C GLY A 46 36.68 3.78 30.26
N LYS A 47 36.98 4.31 29.08
CA LYS A 47 36.24 3.95 27.88
C LYS A 47 36.65 2.57 27.34
N ILE A 48 37.88 2.13 27.58
CA ILE A 48 38.34 0.81 27.19
C ILE A 48 39.16 0.20 28.32
N SER A 49 39.26 -1.14 28.31
CA SER A 49 39.98 -1.86 29.36
C SER A 49 40.96 -2.83 28.73
N LYS A 50 42.15 -2.90 29.31
CA LYS A 50 43.11 -3.91 28.87
C LYS A 50 42.58 -5.30 29.20
N ILE A 51 42.85 -6.28 28.34
CA ILE A 51 42.41 -7.65 28.56
C ILE A 51 43.59 -8.59 28.33
N GLY A 52 43.36 -9.87 28.65
CA GLY A 52 44.37 -10.89 28.48
C GLY A 52 43.90 -12.11 27.72
N PRO A 53 44.62 -13.23 27.88
CA PRO A 53 44.37 -14.42 27.06
C PRO A 53 42.99 -15.04 27.25
N GLU A 54 42.22 -14.60 28.24
CA GLU A 54 40.92 -15.20 28.48
C GLU A 54 39.94 -14.93 27.35
N ASN A 55 40.23 -13.96 26.48
CA ASN A 55 39.32 -13.47 25.45
C ASN A 55 39.69 -14.09 24.11
N PRO A 56 38.84 -14.89 23.48
CA PRO A 56 39.18 -15.45 22.17
C PRO A 56 38.96 -14.52 20.99
N TYR A 57 38.31 -13.37 21.18
CA TYR A 57 37.79 -12.59 20.07
C TYR A 57 38.78 -11.51 19.61
N ASN A 58 38.47 -10.91 18.46
CA ASN A 58 39.25 -9.79 17.94
C ASN A 58 38.59 -9.19 16.72
N THR A 59 38.66 -7.87 16.58
CA THR A 59 38.31 -7.11 15.39
C THR A 59 39.51 -6.24 15.03
N PRO A 60 39.75 -5.97 13.75
CA PRO A 60 40.96 -5.23 13.36
C PRO A 60 40.75 -3.74 13.49
N VAL A 61 41.87 -3.04 13.67
CA VAL A 61 41.84 -1.59 13.82
C VAL A 61 41.55 -0.94 12.47
N PHE A 62 40.80 0.17 12.50
CA PHE A 62 40.46 0.92 11.29
C PHE A 62 41.73 1.46 10.62
N LYS A 74 36.23 7.03 13.93
CA LYS A 74 36.18 5.58 13.75
C LYS A 74 37.52 4.91 14.07
N LEU A 75 37.64 4.40 15.29
CA LEU A 75 38.91 3.84 15.73
C LEU A 75 39.09 2.41 15.22
N VAL A 76 38.09 1.55 15.37
CA VAL A 76 38.19 0.17 14.93
C VAL A 76 36.98 -0.19 14.08
N ASP A 77 37.20 -1.11 13.14
CA ASP A 77 36.22 -1.45 12.11
C ASP A 77 35.42 -2.68 12.51
N PHE A 78 34.11 -2.52 12.67
CA PHE A 78 33.22 -3.54 13.21
C PHE A 78 32.30 -4.15 12.14
N ARG A 79 32.82 -4.38 10.93
CA ARG A 79 32.01 -5.05 9.90
C ARG A 79 31.51 -6.40 10.38
N GLU A 80 32.44 -7.32 10.69
CA GLU A 80 32.04 -8.68 11.06
C GLU A 80 31.15 -8.67 12.29
N LEU A 81 31.46 -7.81 13.26
CA LEU A 81 30.66 -7.81 14.48
C LEU A 81 29.24 -7.36 14.20
N ASN A 82 29.08 -6.35 13.34
CA ASN A 82 27.75 -5.84 13.06
C ASN A 82 26.90 -6.90 12.35
N LYS A 83 27.56 -7.71 11.51
CA LYS A 83 26.85 -8.81 10.84
C LYS A 83 26.39 -9.85 11.85
N LYS A 84 27.12 -10.03 12.95
CA LYS A 84 26.74 -10.99 13.98
C LYS A 84 25.80 -10.42 15.06
N THR A 85 25.68 -9.09 15.16
CA THR A 85 24.85 -8.48 16.20
C THR A 85 23.38 -8.63 15.86
N GLN A 86 22.57 -8.86 16.88
CA GLN A 86 21.11 -8.81 16.74
C GLN A 86 20.62 -7.58 16.00
N ASP A 87 19.43 -7.65 15.41
CA ASP A 87 18.81 -6.47 14.85
C ASP A 87 18.30 -5.56 15.96
N PHE A 88 18.03 -4.30 15.60
CA PHE A 88 17.37 -3.33 16.47
C PHE A 88 16.23 -2.69 15.71
N TRP A 89 15.30 -2.07 16.43
CA TRP A 89 14.29 -1.28 15.75
C TRP A 89 14.87 0.09 15.48
N GLU A 90 15.26 0.34 14.23
CA GLU A 90 16.11 1.49 13.92
C GLU A 90 15.36 2.80 14.08
N VAL A 91 16.10 3.81 14.56
CA VAL A 91 15.52 5.06 15.08
C VAL A 91 15.24 6.07 13.97
N GLN A 92 16.08 6.13 12.95
CA GLN A 92 15.83 7.02 11.81
C GLN A 92 14.95 6.30 10.80
N LEU A 93 13.70 6.08 11.22
CA LEU A 93 12.70 5.52 10.31
C LEU A 93 12.53 6.42 9.10
N GLY A 94 12.41 7.72 9.34
CA GLY A 94 12.34 8.70 8.28
C GLY A 94 12.81 10.03 8.82
N ILE A 95 13.13 10.92 7.89
CA ILE A 95 13.55 12.29 8.23
C ILE A 95 12.31 13.17 8.34
N PRO A 96 12.28 14.13 9.25
CA PRO A 96 11.22 15.14 9.19
C PRO A 96 11.33 15.94 7.91
N HIS A 97 10.24 16.39 7.47
CA HIS A 97 10.39 17.38 6.41
C HIS A 97 10.21 18.79 6.98
N PRO A 98 10.98 19.75 6.44
CA PRO A 98 10.97 21.12 6.92
C PRO A 98 9.59 21.74 6.89
N ALA A 99 8.76 21.36 5.92
CA ALA A 99 7.40 21.87 5.81
C ALA A 99 6.54 21.53 7.02
N GLY A 100 6.74 20.35 7.59
CA GLY A 100 6.01 19.89 8.75
C GLY A 100 6.18 20.71 10.03
N LEU A 101 7.38 21.25 10.24
CA LEU A 101 7.73 22.00 11.44
C LEU A 101 6.89 23.26 11.60
N LYS A 102 6.66 23.65 12.87
CA LYS A 102 5.97 24.91 13.18
C LYS A 102 6.97 26.04 13.28
N LYS A 103 6.54 27.24 12.84
CA LYS A 103 7.33 28.46 13.05
C LYS A 103 7.66 28.67 14.53
N LYS A 104 8.90 29.07 14.81
CA LYS A 104 9.31 29.31 16.19
C LYS A 104 9.91 30.71 16.33
N LYS A 105 10.13 31.14 17.56
CA LYS A 105 10.74 32.45 17.80
C LYS A 105 12.22 32.37 18.05
N SER A 106 12.66 31.33 18.75
CA SER A 106 14.04 31.16 19.16
C SER A 106 14.39 29.68 19.00
N VAL A 107 15.42 29.40 18.21
CA VAL A 107 15.86 28.05 17.93
C VAL A 107 17.37 27.98 18.12
N THR A 108 17.85 26.98 18.86
CA THR A 108 19.27 26.71 18.91
C THR A 108 19.50 25.24 18.64
N VAL A 109 20.72 24.90 18.20
CA VAL A 109 21.12 23.52 17.99
C VAL A 109 22.30 23.21 18.89
N LEU A 110 22.15 22.21 19.75
CA LEU A 110 23.23 21.69 20.58
C LEU A 110 23.74 20.37 19.99
N ASP A 111 25.05 20.18 20.05
CA ASP A 111 25.63 18.94 19.61
C ASP A 111 26.39 18.34 20.78
N VAL A 112 25.87 17.21 21.26
CA VAL A 112 26.58 16.42 22.26
C VAL A 112 27.88 15.95 21.66
N GLY A 113 28.93 16.00 22.46
CA GLY A 113 30.27 15.80 21.91
C GLY A 113 30.99 14.60 22.48
N ASP A 114 30.47 14.11 23.61
CA ASP A 114 30.95 12.84 24.15
C ASP A 114 29.74 11.93 24.24
N ALA A 115 29.05 11.80 23.10
CA ALA A 115 27.75 11.12 23.03
C ALA A 115 27.89 9.65 23.40
N TYR A 116 28.57 8.87 22.56
CA TYR A 116 28.71 7.45 22.83
C TYR A 116 29.58 7.20 24.05
N PHE A 117 30.63 8.02 24.26
CA PHE A 117 31.54 7.81 25.38
C PHE A 117 30.85 7.83 26.72
N SER A 118 29.61 8.26 26.78
CA SER A 118 28.92 8.45 28.03
C SER A 118 27.76 7.47 28.20
N VAL A 119 27.62 6.51 27.31
CA VAL A 119 26.63 5.44 27.43
C VAL A 119 27.36 4.13 27.64
N PRO A 120 27.12 3.39 28.72
CA PRO A 120 27.81 2.12 28.94
C PRO A 120 27.25 0.99 28.10
N LEU A 121 28.12 0.01 27.86
CA LEU A 121 27.85 -1.15 27.02
C LEU A 121 27.49 -2.33 27.90
N ASP A 122 26.38 -3.01 27.57
CA ASP A 122 25.94 -4.17 28.34
C ASP A 122 27.15 -5.04 28.69
N GLU A 123 27.23 -5.42 29.97
CA GLU A 123 28.47 -6.00 30.46
C GLU A 123 28.85 -7.26 29.71
N ASP A 124 27.89 -8.16 29.45
CA ASP A 124 28.20 -9.43 28.80
C ASP A 124 28.58 -9.26 27.34
N PHE A 125 28.16 -8.17 26.71
CA PHE A 125 28.52 -7.93 25.33
C PHE A 125 29.93 -7.39 25.14
N ARG A 126 30.59 -6.87 26.18
CA ARG A 126 31.86 -6.19 25.95
C ARG A 126 32.91 -7.13 25.39
N LYS A 127 32.85 -8.42 25.70
CA LYS A 127 33.94 -9.29 25.30
C LYS A 127 34.03 -9.39 23.78
N TYR A 128 32.91 -9.22 23.08
CA TYR A 128 32.95 -9.25 21.62
C TYR A 128 33.67 -8.05 21.00
N THR A 129 33.87 -6.95 21.72
CA THR A 129 34.47 -5.78 21.09
C THR A 129 36.00 -5.78 21.13
N ALA A 130 36.64 -6.90 21.45
CA ALA A 130 38.09 -6.90 21.64
C ALA A 130 38.86 -6.55 20.36
N PHE A 131 39.98 -5.86 20.55
CA PHE A 131 40.83 -5.44 19.43
C PHE A 131 42.28 -5.32 19.90
N THR A 132 43.23 -5.43 18.96
CA THR A 132 44.65 -5.50 19.32
C THR A 132 45.44 -4.39 18.63
N ILE A 133 46.36 -3.77 19.38
CA ILE A 133 47.41 -2.95 18.82
C ILE A 133 48.63 -3.84 18.61
N PRO A 134 49.06 -4.07 17.37
CA PRO A 134 50.14 -5.03 17.14
C PRO A 134 51.48 -4.43 17.53
N SER A 135 52.48 -5.30 17.59
CA SER A 135 53.83 -4.87 17.96
C SER A 135 54.62 -4.45 16.74
N ILE A 136 55.50 -3.47 16.94
CA ILE A 136 56.39 -2.98 15.88
C ILE A 136 57.23 -4.12 15.33
N ASN A 137 58.04 -4.75 16.20
CA ASN A 137 58.84 -5.90 15.81
C ASN A 137 57.95 -7.07 15.35
N ASN A 138 56.71 -7.13 15.86
CA ASN A 138 55.70 -8.08 15.41
C ASN A 138 56.04 -9.51 15.80
N GLU A 139 57.29 -9.77 16.18
CA GLU A 139 57.62 -11.05 16.81
C GLU A 139 56.93 -11.15 18.16
N THR A 140 56.83 -10.04 18.87
CA THR A 140 56.27 -9.84 20.20
C THR A 140 54.76 -9.65 20.12
N PRO A 141 53.99 -10.13 21.10
CA PRO A 141 52.53 -9.92 21.08
C PRO A 141 52.19 -8.46 21.36
N GLY A 142 50.93 -8.12 21.12
CA GLY A 142 50.44 -6.75 21.24
C GLY A 142 49.57 -6.53 22.46
N ILE A 143 49.11 -5.28 22.58
CA ILE A 143 48.20 -4.86 23.66
C ILE A 143 46.77 -5.16 23.21
N ARG A 144 45.98 -5.72 24.12
CA ARG A 144 44.60 -6.06 23.80
C ARG A 144 43.65 -5.25 24.67
N TYR A 145 42.58 -4.77 24.07
CA TYR A 145 41.63 -3.89 24.73
C TYR A 145 40.22 -4.34 24.42
N GLN A 146 39.25 -3.79 25.15
CA GLN A 146 37.84 -3.99 24.82
C GLN A 146 37.05 -2.78 25.27
N TYR A 147 35.86 -2.62 24.70
CA TYR A 147 35.07 -1.42 24.95
C TYR A 147 34.20 -1.58 26.20
N ASN A 148 34.10 -0.49 26.97
CA ASN A 148 33.14 -0.41 28.06
C ASN A 148 31.96 0.51 27.76
N VAL A 149 32.06 1.30 26.69
CA VAL A 149 31.05 2.25 26.26
C VAL A 149 30.70 1.97 24.81
N LEU A 150 29.60 2.57 24.33
CA LEU A 150 29.15 2.36 22.95
C LEU A 150 30.26 2.74 21.97
N PRO A 151 30.70 1.83 21.12
CA PRO A 151 31.79 2.16 20.20
C PRO A 151 31.29 2.73 18.87
N GLN A 152 32.12 3.61 18.31
CA GLN A 152 31.81 4.20 17.02
C GLN A 152 31.81 3.11 15.96
N GLY A 153 30.78 3.10 15.14
CA GLY A 153 30.72 2.13 14.07
C GLY A 153 30.05 0.83 14.45
N TRP A 154 29.59 0.68 15.67
CA TRP A 154 28.89 -0.54 16.05
C TRP A 154 27.42 -0.39 15.72
N LYS A 155 26.87 -1.44 15.10
CA LYS A 155 25.48 -1.39 14.62
C LYS A 155 24.53 -0.80 15.65
N GLY A 156 24.65 -1.22 16.91
CA GLY A 156 23.72 -0.83 17.94
C GLY A 156 23.90 0.55 18.56
N SER A 157 25.02 1.25 18.31
CA SER A 157 25.26 2.50 19.03
C SER A 157 24.15 3.53 18.81
N PRO A 158 23.74 3.85 17.58
CA PRO A 158 22.74 4.93 17.42
C PRO A 158 21.43 4.66 18.16
N ALA A 159 20.84 3.48 18.03
CA ALA A 159 19.55 3.23 18.66
C ALA A 159 19.66 3.20 20.18
N ILE A 160 20.78 2.70 20.70
CA ILE A 160 20.94 2.63 22.14
C ILE A 160 21.20 4.01 22.73
N PHE A 161 22.03 4.82 22.05
CA PHE A 161 22.21 6.20 22.47
C PHE A 161 20.90 6.95 22.43
N GLN A 162 20.11 6.78 21.37
CA GLN A 162 18.85 7.50 21.27
C GLN A 162 17.90 7.10 22.38
N SER A 163 17.92 5.84 22.79
CA SER A 163 17.02 5.44 23.85
C SER A 163 17.44 6.06 25.17
N SER A 164 18.76 6.17 25.40
CA SER A 164 19.25 6.86 26.58
C SER A 164 18.86 8.32 26.56
N MET A 165 19.13 9.00 25.44
CA MET A 165 18.79 10.40 25.33
C MET A 165 17.31 10.63 25.58
N THR A 166 16.45 9.73 25.10
CA THR A 166 15.01 9.97 25.22
C THR A 166 14.56 9.96 26.66
N LYS A 167 15.13 9.09 27.49
CA LYS A 167 14.68 9.13 28.88
C LYS A 167 15.40 10.19 29.66
N ILE A 168 16.62 10.55 29.24
CA ILE A 168 17.30 11.68 29.87
C ILE A 168 16.51 12.96 29.66
N LEU A 169 15.84 13.11 28.51
CA LEU A 169 15.05 14.29 28.25
C LEU A 169 13.62 14.20 28.71
N GLU A 170 13.15 13.04 29.20
CA GLU A 170 11.74 13.04 29.51
C GLU A 170 11.42 13.89 30.75
N PRO A 171 12.24 13.90 31.82
CA PRO A 171 11.91 14.83 32.92
C PRO A 171 11.93 16.27 32.46
N PHE A 172 12.92 16.65 31.66
CA PHE A 172 13.00 18.02 31.20
C PHE A 172 11.81 18.37 30.32
N ARG A 173 11.36 17.42 29.50
CA ARG A 173 10.24 17.68 28.61
C ARG A 173 8.95 17.92 29.40
N LYS A 174 8.72 17.13 30.44
CA LYS A 174 7.50 17.31 31.23
C LYS A 174 7.53 18.62 31.98
N GLN A 175 8.69 18.98 32.56
CA GLN A 175 8.85 20.24 33.29
C GLN A 175 8.75 21.47 32.39
N ASN A 176 8.84 21.30 31.07
CA ASN A 176 8.93 22.42 30.14
C ASN A 176 8.05 22.16 28.93
N PRO A 177 6.74 22.05 29.13
CA PRO A 177 5.84 21.65 28.03
C PRO A 177 5.98 22.46 26.76
N ASP A 178 6.20 23.78 26.85
CA ASP A 178 6.15 24.63 25.65
C ASP A 178 7.39 24.50 24.79
N ILE A 179 8.47 23.97 25.32
CA ILE A 179 9.69 23.83 24.55
C ILE A 179 9.65 22.56 23.71
N VAL A 180 10.23 22.64 22.52
CA VAL A 180 10.25 21.57 21.54
C VAL A 180 11.70 21.14 21.31
N ILE A 181 12.08 19.99 21.84
CA ILE A 181 13.39 19.39 21.60
C ILE A 181 13.25 18.29 20.55
N TYR A 182 13.94 18.43 19.42
CA TYR A 182 13.98 17.38 18.41
C TYR A 182 15.35 16.73 18.38
N GLN A 183 15.41 15.45 18.74
CA GLN A 183 16.66 14.72 18.71
C GLN A 183 16.97 14.20 17.31
N TYR A 184 18.24 14.24 16.95
CA TYR A 184 18.66 13.87 15.59
C TYR A 184 20.14 13.52 15.67
N MET A 185 20.42 12.24 15.88
CA MET A 185 21.79 11.71 16.01
C MET A 185 22.44 12.37 17.22
N ASP A 186 23.62 12.96 17.07
CA ASP A 186 24.33 13.64 18.14
C ASP A 186 23.80 15.06 18.41
N ASP A 187 22.81 15.54 17.66
CA ASP A 187 22.32 16.91 17.77
C ASP A 187 20.98 16.96 18.50
N LEU A 188 20.80 18.02 19.29
CA LEU A 188 19.49 18.44 19.78
C LEU A 188 19.11 19.73 19.07
N TYR A 189 17.88 19.82 18.61
CA TYR A 189 17.35 21.06 18.05
C TYR A 189 16.24 21.52 18.96
N VAL A 190 16.38 22.73 19.52
CA VAL A 190 15.47 23.22 20.55
C VAL A 190 14.81 24.50 20.06
N GLY A 191 13.49 24.56 20.19
CA GLY A 191 12.72 25.70 19.75
C GLY A 191 11.76 26.17 20.82
N SER A 192 11.45 27.45 20.78
CA SER A 192 10.46 28.00 21.70
C SER A 192 9.88 29.29 21.14
N ASP A 193 8.79 29.71 21.75
CA ASP A 193 8.20 31.00 21.52
C ASP A 193 8.52 31.97 22.64
N LEU A 194 9.29 31.51 23.63
CA LEU A 194 9.94 32.40 24.57
C LEU A 194 10.74 33.46 23.83
N GLU A 195 10.89 34.63 24.47
CA GLU A 195 11.77 35.61 23.85
C GLU A 195 13.22 35.23 24.13
N ILE A 196 14.11 35.74 23.27
CA ILE A 196 15.46 35.19 23.15
C ILE A 196 16.16 35.10 24.50
N GLY A 197 15.98 36.12 25.35
CA GLY A 197 16.58 36.06 26.66
C GLY A 197 16.09 34.87 27.46
N GLN A 198 14.76 34.72 27.55
CA GLN A 198 14.25 33.60 28.33
C GLN A 198 14.48 32.28 27.62
N HIS A 199 14.58 32.29 26.29
CA HIS A 199 15.07 31.12 25.59
C HIS A 199 16.45 30.74 26.10
N ARG A 200 17.38 31.71 26.08
CA ARG A 200 18.77 31.45 26.46
C ARG A 200 18.87 30.89 27.87
N THR A 201 17.93 31.27 28.75
CA THR A 201 17.94 30.73 30.11
C THR A 201 17.55 29.25 30.10
N LYS A 202 16.58 28.89 29.26
CA LYS A 202 16.13 27.49 29.19
C LYS A 202 17.21 26.61 28.57
N ILE A 203 17.82 27.08 27.48
CA ILE A 203 18.93 26.37 26.88
C ILE A 203 20.00 26.06 27.90
N GLU A 204 20.22 26.93 28.87
CA GLU A 204 21.31 26.63 29.80
C GLU A 204 20.87 25.64 30.86
N GLU A 205 19.60 25.70 31.29
CA GLU A 205 19.10 24.66 32.18
C GLU A 205 19.18 23.29 31.50
N LEU A 206 18.85 23.23 30.21
CA LEU A 206 19.00 21.99 29.45
C LEU A 206 20.46 21.54 29.40
N ARG A 207 21.40 22.47 29.21
CA ARG A 207 22.82 22.09 29.24
C ARG A 207 23.21 21.52 30.60
N GLN A 208 22.65 22.06 31.68
CA GLN A 208 23.01 21.58 33.01
C GLN A 208 22.39 20.23 33.28
N HIS A 209 21.19 20.02 32.73
CA HIS A 209 20.56 18.72 32.86
C HIS A 209 21.38 17.65 32.14
N LEU A 210 21.61 17.83 30.84
CA LEU A 210 22.44 16.88 30.09
C LEU A 210 23.77 16.64 30.78
N LEU A 211 24.25 17.61 31.53
CA LEU A 211 25.56 17.48 32.13
C LEU A 211 25.57 16.57 33.35
N ARG A 212 24.41 16.34 33.98
CA ARG A 212 24.32 15.40 35.10
C ARG A 212 24.77 14.00 34.68
N TRP A 213 24.39 13.56 33.48
CA TRP A 213 24.85 12.28 32.95
C TRP A 213 26.12 12.41 32.12
N GLY A 214 26.84 13.52 32.26
CA GLY A 214 28.15 13.62 31.64
C GLY A 214 28.11 13.89 30.15
N LEU A 215 27.16 14.70 29.68
CA LEU A 215 26.98 15.00 28.26
C LEU A 215 27.29 16.47 28.00
N THR A 216 28.35 16.72 27.25
CA THR A 216 28.81 18.08 27.02
C THR A 216 28.12 18.70 25.80
N THR A 217 28.11 20.02 25.76
CA THR A 217 27.36 20.78 24.76
C THR A 217 27.99 22.15 24.64
N PRO A 218 27.87 22.82 23.49
CA PRO A 218 28.51 24.13 23.35
C PRO A 218 27.82 25.18 24.22
N ASP A 219 28.63 26.02 24.89
CA ASP A 219 28.04 27.10 25.66
C ASP A 219 27.49 28.19 24.73
N LYS A 220 26.83 29.18 25.33
CA LYS A 220 26.22 30.28 24.56
C LYS A 220 27.16 30.88 23.52
N LYS A 221 28.40 31.18 23.93
CA LYS A 221 29.37 31.78 23.02
C LYS A 221 29.69 30.90 21.82
N HIS A 222 29.45 29.60 21.91
CA HIS A 222 29.85 28.67 20.87
C HIS A 222 28.69 28.10 20.07
N GLN A 223 27.46 28.44 20.42
CA GLN A 223 26.30 27.93 19.70
C GLN A 223 26.12 28.67 18.39
N LYS A 224 25.75 27.94 17.34
CA LYS A 224 25.56 28.55 16.02
C LYS A 224 24.31 29.41 15.98
N GLU A 225 24.28 30.35 15.07
CA GLU A 225 23.06 31.12 14.87
C GLU A 225 22.31 30.64 13.64
N PRO A 226 21.00 30.79 13.61
CA PRO A 226 20.23 30.65 12.37
C PRO A 226 20.87 31.41 11.21
N PRO A 227 20.82 30.85 10.00
CA PRO A 227 20.18 29.56 9.71
C PRO A 227 21.03 28.33 10.01
N PHE A 228 20.34 27.22 10.27
CA PHE A 228 20.96 25.93 10.53
C PHE A 228 20.98 25.10 9.25
N LEU A 229 22.14 24.51 8.93
CA LEU A 229 22.24 23.59 7.81
C LEU A 229 21.95 22.19 8.31
N TRP A 230 20.90 21.58 7.78
CA TRP A 230 20.46 20.28 8.26
C TRP A 230 19.94 19.49 7.08
N MET A 231 20.55 18.35 6.81
CA MET A 231 20.06 17.40 5.80
C MET A 231 19.91 18.04 4.44
N GLY A 232 20.77 19.00 4.12
CA GLY A 232 20.67 19.73 2.88
C GLY A 232 19.67 20.87 2.89
N TYR A 233 18.93 21.07 3.97
CA TYR A 233 18.06 22.23 4.06
C TYR A 233 18.80 23.36 4.78
N GLU A 234 18.24 24.57 4.62
CA GLU A 234 18.70 25.76 5.31
C GLU A 234 17.52 26.22 6.14
N LEU A 235 17.60 26.08 7.45
CA LEU A 235 16.46 26.28 8.34
C LEU A 235 16.55 27.64 9.01
N HIS A 236 15.57 28.50 8.76
CA HIS A 236 15.43 29.77 9.49
C HIS A 236 14.35 29.58 10.56
N PRO A 237 14.09 30.55 11.42
CA PRO A 237 12.99 30.36 12.38
C PRO A 237 11.61 30.51 11.77
N ASP A 238 11.49 31.23 10.66
CA ASP A 238 10.22 31.56 10.04
C ASP A 238 10.07 30.99 8.64
N LYS A 239 11.12 30.35 8.11
CA LYS A 239 11.09 29.83 6.77
C LYS A 239 12.22 28.83 6.59
N TRP A 240 12.11 28.02 5.54
CA TRP A 240 13.10 27.00 5.23
C TRP A 240 13.36 27.04 3.73
N THR A 241 14.59 26.75 3.35
CA THR A 241 14.92 26.60 1.94
C THR A 241 15.88 25.44 1.76
N VAL A 242 16.29 25.23 0.51
CA VAL A 242 17.36 24.30 0.18
C VAL A 242 18.57 25.10 -0.19
N GLN A 243 19.73 24.50 -0.01
CA GLN A 243 20.99 25.10 -0.39
C GLN A 243 21.06 25.20 -1.91
N PRO A 244 21.84 26.14 -2.45
CA PRO A 244 21.63 26.51 -3.86
C PRO A 244 22.04 25.38 -4.80
N ILE A 245 21.26 25.21 -5.87
CA ILE A 245 21.30 24.01 -6.70
C ILE A 245 22.04 24.33 -8.00
N VAL A 246 23.26 23.83 -8.12
CA VAL A 246 24.10 24.01 -9.29
C VAL A 246 23.90 22.85 -10.25
N LEU A 247 23.67 23.14 -11.54
CA LEU A 247 23.69 22.08 -12.55
C LEU A 247 24.62 22.49 -13.68
N PRO A 248 25.58 21.63 -14.03
CA PRO A 248 26.66 22.05 -14.92
C PRO A 248 26.19 22.17 -16.36
N GLU A 249 26.88 23.01 -17.14
CA GLU A 249 26.58 23.18 -18.56
C GLU A 249 27.67 22.53 -19.40
N LYS A 250 27.29 21.46 -20.08
CA LYS A 250 28.17 20.72 -20.97
C LYS A 250 27.56 20.65 -22.36
N ASP A 251 28.40 20.32 -23.33
CA ASP A 251 27.93 19.98 -24.66
C ASP A 251 27.92 18.47 -24.90
N SER A 252 28.87 17.75 -24.32
CA SER A 252 28.85 16.29 -24.27
C SER A 252 28.25 15.84 -22.93
N TRP A 253 27.37 14.85 -22.99
CA TRP A 253 26.63 14.38 -21.83
C TRP A 253 26.80 12.87 -21.69
N THR A 254 27.47 12.44 -20.63
CA THR A 254 27.59 11.01 -20.34
C THR A 254 26.41 10.55 -19.47
N VAL A 255 26.09 9.25 -19.56
CA VAL A 255 24.93 8.72 -18.85
C VAL A 255 25.06 8.96 -17.35
N ASN A 256 26.29 8.90 -16.82
CA ASN A 256 26.49 9.26 -15.43
C ASN A 256 26.07 10.69 -15.17
N ASP A 257 26.43 11.62 -16.06
CA ASP A 257 26.04 13.02 -15.88
C ASP A 257 24.52 13.18 -15.84
N ILE A 258 23.79 12.51 -16.76
CA ILE A 258 22.33 12.60 -16.75
C ILE A 258 21.75 11.98 -15.48
N GLN A 259 22.44 10.99 -14.90
CA GLN A 259 21.99 10.44 -13.62
C GLN A 259 21.96 11.53 -12.54
N LYS A 260 23.05 12.27 -12.38
CA LYS A 260 23.12 13.29 -11.35
C LYS A 260 22.34 14.56 -11.72
N LEU A 261 22.09 14.79 -13.01
CA LEU A 261 21.14 15.83 -13.38
C LEU A 261 19.76 15.51 -12.83
N VAL A 262 19.24 14.31 -13.13
CA VAL A 262 17.95 13.90 -12.63
C VAL A 262 17.92 13.88 -11.10
N GLY A 263 19.09 13.78 -10.47
CA GLY A 263 19.12 13.67 -9.03
C GLY A 263 18.98 15.03 -8.42
N LYS A 264 19.70 16.00 -8.98
CA LYS A 264 19.59 17.36 -8.49
C LYS A 264 18.21 17.94 -8.77
N LEU A 265 17.65 17.68 -9.95
CA LEU A 265 16.31 18.15 -10.25
C LEU A 265 15.27 17.53 -9.34
N ASN A 266 15.37 16.23 -9.09
CA ASN A 266 14.39 15.59 -8.21
C ASN A 266 14.47 16.19 -6.81
N TRP A 267 15.68 16.56 -6.37
CA TRP A 267 15.85 17.20 -5.08
C TRP A 267 15.33 18.63 -5.09
N ALA A 268 15.49 19.32 -6.22
CA ALA A 268 14.92 20.66 -6.36
C ALA A 268 13.40 20.62 -6.27
N SER A 269 12.76 19.63 -6.87
CA SER A 269 11.33 19.69 -7.11
C SER A 269 10.49 19.79 -5.83
N GLN A 270 11.13 19.76 -4.66
CA GLN A 270 10.35 19.87 -3.45
C GLN A 270 10.03 21.31 -3.08
N ILE A 271 10.75 22.28 -3.63
CA ILE A 271 10.55 23.69 -3.28
C ILE A 271 10.42 24.55 -4.54
N TYR A 272 11.16 24.19 -5.60
CA TYR A 272 11.06 24.87 -6.89
C TYR A 272 9.89 24.29 -7.65
N PRO A 273 8.85 25.06 -7.98
CA PRO A 273 7.68 24.47 -8.62
C PRO A 273 7.93 24.12 -10.08
N GLY A 274 7.06 23.25 -10.61
CA GLY A 274 7.01 22.98 -12.04
C GLY A 274 8.26 22.37 -12.65
N ILE A 275 9.01 21.58 -11.90
CA ILE A 275 10.15 20.89 -12.50
C ILE A 275 9.68 19.62 -13.20
N LYS A 276 10.28 19.34 -14.36
CA LYS A 276 9.94 18.16 -15.15
C LYS A 276 11.24 17.44 -15.46
N VAL A 277 11.26 16.11 -15.26
CA VAL A 277 12.46 15.31 -15.51
C VAL A 277 12.17 14.12 -16.43
N ARG A 278 10.91 13.89 -16.75
CA ARG A 278 10.57 12.69 -17.51
C ARG A 278 11.26 12.61 -18.87
N GLN A 279 11.64 13.75 -19.44
CA GLN A 279 12.33 13.68 -20.71
C GLN A 279 13.76 13.18 -20.53
N LEU A 280 14.39 13.50 -19.41
CA LEU A 280 15.78 13.07 -19.22
C LEU A 280 15.85 11.63 -18.73
N CYS A 281 14.87 11.22 -17.92
CA CYS A 281 14.77 9.83 -17.51
C CYS A 281 14.59 8.90 -18.70
N LYS A 282 13.91 9.35 -19.75
CA LYS A 282 13.72 8.52 -20.93
C LYS A 282 15.05 8.23 -21.63
N LEU A 283 16.05 9.10 -21.46
CA LEU A 283 17.36 8.83 -22.02
C LEU A 283 18.08 7.71 -21.29
N LEU A 284 17.82 7.54 -20.00
CA LEU A 284 18.46 6.49 -19.21
C LEU A 284 17.81 5.12 -19.35
N ARG A 285 16.72 4.97 -20.13
CA ARG A 285 16.13 3.65 -20.30
C ARG A 285 17.10 2.74 -21.03
N GLY A 286 17.14 1.48 -20.63
CA GLY A 286 18.04 0.51 -21.24
C GLY A 286 19.46 0.58 -20.69
N THR A 287 20.20 -0.51 -20.94
CA THR A 287 21.54 -0.66 -20.39
C THR A 287 22.54 0.25 -21.10
N LYS A 288 23.55 0.69 -20.35
CA LYS A 288 24.53 1.63 -20.87
C LYS A 288 25.69 1.80 -19.88
N ALA A 289 26.92 1.51 -20.30
CA ALA A 289 28.06 1.80 -19.44
C ALA A 289 28.08 3.27 -19.07
N LEU A 290 28.56 3.57 -17.87
CA LEU A 290 28.41 4.90 -17.32
C LEU A 290 29.14 5.99 -18.12
N THR A 291 30.14 5.64 -18.92
CA THR A 291 30.86 6.64 -19.70
C THR A 291 30.33 6.77 -21.13
N GLU A 292 29.27 6.04 -21.47
CA GLU A 292 28.66 6.19 -22.78
C GLU A 292 28.18 7.62 -22.98
N VAL A 293 28.71 8.28 -24.02
CA VAL A 293 28.48 9.71 -24.25
C VAL A 293 27.15 9.83 -25.02
N ILE A 294 26.05 9.88 -24.30
CA ILE A 294 24.73 9.83 -24.93
C ILE A 294 24.34 11.22 -25.41
N PRO A 295 23.87 11.36 -26.65
CA PRO A 295 23.45 12.67 -27.14
C PRO A 295 22.03 12.96 -26.69
N LEU A 296 21.81 14.20 -26.23
CA LEU A 296 20.49 14.57 -25.73
C LEU A 296 19.49 14.62 -26.87
N THR A 297 18.34 13.97 -26.68
CA THR A 297 17.22 14.30 -27.55
C THR A 297 16.90 15.77 -27.37
N GLU A 298 16.37 16.38 -28.42
CA GLU A 298 16.26 17.83 -28.40
C GLU A 298 15.10 18.29 -27.50
N GLU A 299 14.00 17.53 -27.42
CA GLU A 299 12.94 17.89 -26.48
C GLU A 299 13.31 17.58 -25.03
N ALA A 300 14.46 16.96 -24.80
CA ALA A 300 15.07 17.03 -23.47
C ALA A 300 15.67 18.40 -23.24
N GLU A 301 16.45 18.90 -24.19
CA GLU A 301 17.02 20.24 -24.06
C GLU A 301 15.93 21.28 -23.84
N LEU A 302 14.76 21.08 -24.44
CA LEU A 302 13.60 21.91 -24.10
C LEU A 302 13.37 21.88 -22.61
N GLU A 303 13.11 20.68 -22.08
CA GLU A 303 12.85 20.50 -20.67
C GLU A 303 14.04 20.96 -19.82
N LEU A 304 15.27 20.64 -20.26
CA LEU A 304 16.46 21.10 -19.53
C LEU A 304 16.59 22.61 -19.57
N ALA A 305 16.09 23.25 -20.64
CA ALA A 305 16.06 24.72 -20.67
C ALA A 305 15.09 25.27 -19.64
N GLU A 306 13.87 24.73 -19.62
CA GLU A 306 12.80 25.21 -18.74
C GLU A 306 13.27 25.06 -17.31
N ASN A 307 13.90 23.93 -17.03
CA ASN A 307 14.43 23.65 -15.71
C ASN A 307 15.58 24.57 -15.32
N ARG A 308 16.49 24.84 -16.25
CA ARG A 308 17.63 25.69 -15.93
C ARG A 308 17.18 27.08 -15.55
N GLU A 309 16.16 27.62 -16.23
CA GLU A 309 15.72 28.97 -15.88
C GLU A 309 14.84 29.01 -14.64
N ILE A 310 14.03 27.98 -14.39
CA ILE A 310 13.25 27.89 -13.14
C ILE A 310 14.14 27.93 -11.89
N LEU A 311 15.41 27.55 -12.01
CA LEU A 311 16.34 27.55 -10.89
C LEU A 311 17.05 28.88 -10.69
N LYS A 312 16.96 29.81 -11.65
CA LYS A 312 17.38 31.18 -11.39
C LYS A 312 16.51 31.86 -10.34
N GLU A 313 15.23 31.45 -10.27
CA GLU A 313 14.30 32.05 -9.33
C GLU A 313 14.78 31.86 -7.89
N PRO A 314 14.53 32.82 -7.01
CA PRO A 314 14.66 32.54 -5.58
C PRO A 314 13.37 31.88 -5.07
N VAL A 315 13.53 30.94 -4.14
CA VAL A 315 12.37 30.29 -3.53
C VAL A 315 12.64 30.00 -2.06
N HIS A 316 11.54 29.82 -1.34
CA HIS A 316 11.62 29.33 0.02
C HIS A 316 10.27 28.74 0.39
N GLY A 317 10.30 27.93 1.45
CA GLY A 317 9.10 27.34 2.01
C GLY A 317 8.82 27.93 3.38
N VAL A 318 7.56 27.90 3.77
CA VAL A 318 7.14 28.40 5.06
C VAL A 318 6.79 27.21 5.94
N TYR A 319 6.54 27.47 7.21
CA TYR A 319 6.27 26.39 8.15
C TYR A 319 4.76 26.17 8.29
N TYR A 320 4.41 25.20 9.11
CA TYR A 320 3.03 24.73 9.16
C TYR A 320 2.27 25.48 10.24
N ASP A 321 1.21 26.16 9.84
CA ASP A 321 0.28 26.69 10.82
C ASP A 321 -0.85 25.71 11.06
N PRO A 322 -0.87 24.98 12.18
CA PRO A 322 -1.95 24.00 12.39
C PRO A 322 -3.35 24.60 12.36
N SER A 323 -3.52 25.85 12.81
CA SER A 323 -4.83 26.48 12.89
C SER A 323 -5.48 26.74 11.53
N LYS A 324 -4.76 26.60 10.42
CA LYS A 324 -5.34 26.83 9.11
C LYS A 324 -5.49 25.51 8.36
N ASP A 325 -6.18 25.59 7.22
CA ASP A 325 -6.32 24.44 6.34
C ASP A 325 -5.08 24.29 5.47
N LEU A 326 -4.82 23.06 5.03
CA LEU A 326 -3.88 22.81 3.94
C LEU A 326 -4.63 22.83 2.62
N ILE A 327 -4.01 23.42 1.60
CA ILE A 327 -4.56 23.43 0.25
C ILE A 327 -3.52 22.82 -0.67
N ALA A 328 -3.95 21.92 -1.55
CA ALA A 328 -3.10 21.34 -2.57
C ALA A 328 -3.70 21.63 -3.93
N GLU A 329 -2.90 22.16 -4.85
CA GLU A 329 -3.37 22.52 -6.17
C GLU A 329 -2.44 21.88 -7.20
N ILE A 330 -3.02 21.26 -8.23
CA ILE A 330 -2.28 20.44 -9.17
C ILE A 330 -2.44 21.04 -10.55
N GLN A 331 -1.39 21.01 -11.35
CA GLN A 331 -1.39 21.49 -12.72
C GLN A 331 -0.89 20.39 -13.63
N LYS A 332 -1.41 20.34 -14.84
CA LYS A 332 -0.88 19.39 -15.81
C LYS A 332 0.28 20.05 -16.54
N GLN A 333 1.43 19.39 -16.53
CA GLN A 333 2.58 19.77 -17.32
C GLN A 333 2.69 19.01 -18.65
N GLY A 334 1.74 18.10 -18.93
CA GLY A 334 1.72 17.33 -20.15
C GLY A 334 2.68 16.16 -20.27
N GLN A 335 2.33 15.18 -21.12
CA GLN A 335 3.14 13.96 -21.33
C GLN A 335 3.22 13.11 -20.07
N GLY A 336 2.08 12.93 -19.40
CA GLY A 336 2.05 12.21 -18.14
C GLY A 336 2.89 12.84 -17.05
N GLN A 337 3.06 14.15 -17.07
CA GLN A 337 3.77 14.89 -16.04
C GLN A 337 2.80 15.82 -15.33
N TRP A 338 2.88 15.86 -14.01
CA TRP A 338 2.04 16.74 -13.23
C TRP A 338 2.86 17.35 -12.11
N THR A 339 2.38 18.49 -11.60
CA THR A 339 3.11 19.25 -10.61
C THR A 339 2.10 19.77 -9.60
N TYR A 340 2.53 19.89 -8.35
CA TYR A 340 1.60 20.37 -7.33
C TYR A 340 2.29 21.33 -6.37
N GLN A 341 1.47 22.11 -5.67
CA GLN A 341 1.92 22.98 -4.60
C GLN A 341 1.00 22.80 -3.39
N ILE A 342 1.58 22.87 -2.19
CA ILE A 342 0.81 22.87 -0.97
C ILE A 342 1.08 24.17 -0.21
N TYR A 343 -0.01 24.85 0.17
CA TYR A 343 0.08 26.13 0.84
C TYR A 343 -1.10 26.24 1.80
N GLN A 344 -0.98 27.17 2.74
CA GLN A 344 -2.10 27.44 3.61
C GLN A 344 -2.70 28.81 3.35
N GLU A 345 -1.85 29.80 3.10
CA GLU A 345 -2.24 31.14 2.72
C GLU A 345 -1.67 31.46 1.35
N PRO A 346 -2.47 32.05 0.45
CA PRO A 346 -2.14 32.01 -0.98
C PRO A 346 -0.78 32.63 -1.28
N PHE A 347 0.04 31.86 -2.01
CA PHE A 347 1.37 32.21 -2.54
C PHE A 347 2.46 32.13 -1.50
N LYS A 348 2.18 31.49 -0.36
CA LYS A 348 3.21 31.17 0.62
C LYS A 348 3.21 29.66 0.79
N ASN A 349 3.98 28.99 -0.09
CA ASN A 349 4.04 27.55 -0.17
C ASN A 349 4.77 26.92 1.02
N LEU A 350 4.22 25.79 1.49
CA LEU A 350 4.98 24.92 2.37
C LEU A 350 5.95 24.05 1.59
N LYS A 351 5.48 23.44 0.51
CA LYS A 351 6.36 22.68 -0.38
C LYS A 351 5.66 22.47 -1.71
N THR A 352 6.40 21.90 -2.64
CA THR A 352 5.92 21.59 -3.99
C THR A 352 6.46 20.22 -4.40
N GLY A 353 5.80 19.57 -5.36
CA GLY A 353 6.26 18.29 -5.82
C GLY A 353 5.83 17.97 -7.24
N LYS A 354 6.30 16.82 -7.74
CA LYS A 354 5.92 16.33 -9.05
C LYS A 354 5.37 14.92 -8.92
N TYR A 355 4.65 14.49 -9.97
CA TYR A 355 4.17 13.12 -10.13
C TYR A 355 4.24 12.78 -11.61
N ALA A 356 4.86 11.65 -11.95
CA ALA A 356 4.92 11.15 -13.32
C ALA A 356 4.63 9.67 -13.32
N ARG A 357 3.53 9.26 -13.92
CA ARG A 357 3.43 7.87 -14.31
C ARG A 357 4.53 7.62 -15.33
N MET A 358 5.31 6.56 -15.10
CA MET A 358 6.32 6.17 -16.06
C MET A 358 6.33 4.65 -16.24
N ARG A 359 5.26 3.99 -15.80
CA ARG A 359 5.03 2.63 -16.23
C ARG A 359 4.89 2.55 -17.73
N GLY A 360 4.51 3.66 -18.37
CA GLY A 360 4.13 3.66 -19.77
C GLY A 360 2.76 3.10 -20.04
N ALA A 361 2.17 2.40 -19.07
CA ALA A 361 0.82 1.88 -19.17
C ALA A 361 -0.11 2.92 -19.76
N HIS A 362 -1.02 2.46 -20.61
CA HIS A 362 -2.04 3.32 -21.19
C HIS A 362 -3.01 3.75 -20.10
N THR A 363 -2.88 5.00 -19.64
CA THR A 363 -3.73 5.57 -18.59
C THR A 363 -4.17 6.94 -19.03
N ASN A 364 -5.44 7.25 -18.83
CA ASN A 364 -5.95 8.53 -19.28
C ASN A 364 -5.75 9.59 -18.19
N ASP A 365 -5.79 10.85 -18.60
CA ASP A 365 -5.44 11.92 -17.67
C ASP A 365 -6.33 11.92 -16.43
N VAL A 366 -7.59 11.54 -16.53
CA VAL A 366 -8.43 11.56 -15.34
C VAL A 366 -7.87 10.63 -14.29
N LYS A 367 -7.30 9.50 -14.73
CA LYS A 367 -6.80 8.48 -13.81
C LYS A 367 -5.47 8.90 -13.19
N GLN A 368 -4.51 9.33 -14.01
CA GLN A 368 -3.26 9.83 -13.44
C GLN A 368 -3.50 10.96 -12.45
N LEU A 369 -4.43 11.86 -12.77
CA LEU A 369 -4.79 12.89 -11.83
C LEU A 369 -5.15 12.29 -10.48
N THR A 370 -6.14 11.38 -10.47
CA THR A 370 -6.49 10.65 -9.25
C THR A 370 -5.29 9.97 -8.60
N GLU A 371 -4.30 9.57 -9.40
CA GLU A 371 -3.12 8.96 -8.80
C GLU A 371 -2.28 10.01 -8.09
N ALA A 372 -2.03 11.14 -8.77
CA ALA A 372 -1.35 12.27 -8.12
C ALA A 372 -2.02 12.66 -6.79
N VAL A 373 -3.35 12.77 -6.75
CA VAL A 373 -3.92 13.18 -5.49
C VAL A 373 -3.66 12.15 -4.42
N GLN A 374 -3.61 10.87 -4.80
CA GLN A 374 -3.34 9.81 -3.82
C GLN A 374 -1.91 9.84 -3.32
N LYS A 375 -0.96 10.21 -4.17
CA LYS A 375 0.38 10.44 -3.65
C LYS A 375 0.41 11.61 -2.67
N ILE A 376 -0.28 12.71 -3.00
CA ILE A 376 -0.23 13.88 -2.15
C ILE A 376 -0.94 13.62 -0.83
N THR A 377 -2.07 12.90 -0.86
CA THR A 377 -2.74 12.56 0.39
C THR A 377 -1.82 11.78 1.31
N THR A 378 -1.12 10.76 0.77
CA THR A 378 -0.20 10.00 1.59
C THR A 378 0.88 10.89 2.17
N GLU A 379 1.44 11.77 1.35
CA GLU A 379 2.50 12.63 1.86
C GLU A 379 1.96 13.61 2.89
N SER A 380 0.73 14.09 2.73
CA SER A 380 0.20 15.03 3.72
C SER A 380 0.00 14.36 5.07
N ILE A 381 -0.26 13.06 5.08
CA ILE A 381 -0.49 12.45 6.37
C ILE A 381 0.83 12.20 7.07
N VAL A 382 1.88 11.94 6.29
CA VAL A 382 3.19 11.76 6.91
C VAL A 382 3.70 13.08 7.47
N ILE A 383 3.58 14.17 6.70
CA ILE A 383 4.20 15.43 7.10
C ILE A 383 3.33 16.19 8.11
N TRP A 384 2.03 16.30 7.88
CA TRP A 384 1.18 17.11 8.75
C TRP A 384 0.10 16.34 9.50
N GLY A 385 -0.01 15.03 9.31
CA GLY A 385 -1.00 14.25 10.03
C GLY A 385 -2.44 14.53 9.66
N LYS A 386 -2.67 15.10 8.49
CA LYS A 386 -4.03 15.35 8.05
C LYS A 386 -4.04 15.53 6.54
N THR A 387 -5.29 15.38 5.91
CA THR A 387 -5.27 15.43 4.45
C THR A 387 -5.70 16.80 3.94
N PRO A 388 -5.09 17.27 2.86
CA PRO A 388 -5.39 18.60 2.35
C PRO A 388 -6.72 18.67 1.63
N LYS A 389 -7.11 19.90 1.31
CA LYS A 389 -8.21 20.21 0.41
C LYS A 389 -7.63 20.53 -0.97
N PHE A 390 -8.28 20.02 -2.00
CA PHE A 390 -7.67 19.99 -3.32
C PHE A 390 -8.30 20.97 -4.28
N LYS A 391 -7.48 21.55 -5.14
CA LYS A 391 -7.95 22.40 -6.23
C LYS A 391 -7.43 21.78 -7.51
N LEU A 392 -8.34 21.17 -8.31
CA LEU A 392 -7.95 20.35 -9.47
C LEU A 392 -8.47 20.94 -10.77
N PRO A 393 -7.71 20.86 -11.82
CA PRO A 393 -8.14 21.32 -13.14
C PRO A 393 -9.07 20.36 -13.87
N ILE A 394 -10.14 19.93 -13.20
CA ILE A 394 -11.08 18.98 -13.78
C ILE A 394 -12.50 19.33 -13.35
N GLN A 395 -13.44 19.24 -14.28
CA GLN A 395 -14.81 19.59 -13.98
C GLN A 395 -15.49 18.49 -13.18
N LYS A 396 -16.27 18.87 -12.17
CA LYS A 396 -16.90 17.87 -11.30
C LYS A 396 -17.80 16.89 -12.03
N GLU A 397 -18.31 17.24 -13.22
CA GLU A 397 -19.09 16.26 -13.94
C GLU A 397 -18.21 15.38 -14.80
N THR A 398 -17.13 15.94 -15.34
CA THR A 398 -16.17 15.14 -16.10
C THR A 398 -15.59 14.02 -15.25
N TRP A 399 -15.37 14.29 -13.97
CA TRP A 399 -14.86 13.29 -13.04
C TRP A 399 -15.94 12.29 -12.66
N GLU A 400 -17.16 12.75 -12.37
CA GLU A 400 -18.22 11.80 -12.06
C GLU A 400 -18.59 10.97 -13.29
N THR A 401 -18.35 11.49 -14.49
CA THR A 401 -18.50 10.70 -15.71
C THR A 401 -17.54 9.51 -15.69
N TRP A 402 -16.24 9.77 -15.54
CA TRP A 402 -15.27 8.69 -15.62
C TRP A 402 -15.45 7.72 -14.46
N TRP A 403 -15.28 8.18 -13.24
CA TRP A 403 -15.32 7.33 -12.05
C TRP A 403 -16.68 6.75 -11.73
N THR A 404 -17.69 6.83 -12.58
CA THR A 404 -18.83 5.94 -12.44
C THR A 404 -18.85 4.87 -13.53
N GLU A 405 -18.22 5.13 -14.67
CA GLU A 405 -18.04 4.13 -15.71
C GLU A 405 -16.82 3.22 -15.45
N TYR A 406 -15.92 3.62 -14.55
CA TYR A 406 -14.69 2.88 -14.36
C TYR A 406 -14.90 1.71 -13.41
N TRP A 407 -14.05 0.69 -13.57
CA TRP A 407 -14.22 -0.58 -12.86
C TRP A 407 -13.61 -0.58 -11.47
N GLN A 408 -12.61 0.26 -11.20
CA GLN A 408 -12.04 0.27 -9.86
C GLN A 408 -12.61 1.39 -9.03
N ALA A 409 -12.65 1.15 -7.72
CA ALA A 409 -13.09 2.11 -6.76
C ALA A 409 -12.00 3.13 -6.50
N THR A 410 -12.41 4.34 -6.12
CA THR A 410 -11.51 5.32 -5.55
C THR A 410 -12.29 6.25 -4.65
N TRP A 411 -11.58 7.20 -4.03
CA TRP A 411 -12.20 8.20 -3.18
C TRP A 411 -11.25 9.34 -2.96
N VAL A 412 -11.74 10.55 -3.18
CA VAL A 412 -10.96 11.75 -2.84
C VAL A 412 -11.63 12.51 -1.72
N PRO A 413 -10.84 13.17 -0.86
CA PRO A 413 -11.43 14.11 0.11
C PRO A 413 -11.96 15.34 -0.60
N GLU A 414 -12.22 16.40 0.15
CA GLU A 414 -12.80 17.59 -0.44
C GLU A 414 -11.91 18.12 -1.55
N TRP A 415 -12.50 18.32 -2.73
CA TRP A 415 -11.82 18.97 -3.83
C TRP A 415 -12.80 19.90 -4.53
N GLU A 416 -12.25 20.86 -5.28
CA GLU A 416 -13.04 21.86 -5.98
C GLU A 416 -12.44 22.08 -7.35
N PHE A 417 -13.27 22.48 -8.31
CA PHE A 417 -12.75 22.79 -9.63
C PHE A 417 -11.95 24.09 -9.56
N VAL A 418 -10.92 24.19 -10.40
CA VAL A 418 -10.13 25.41 -10.54
C VAL A 418 -9.72 25.53 -11.99
N ASN A 419 -10.00 26.68 -12.59
CA ASN A 419 -9.89 26.85 -14.03
C ASN A 419 -8.54 27.45 -14.38
N THR A 420 -7.52 26.61 -14.42
CA THR A 420 -6.22 27.03 -14.96
C THR A 420 -5.76 26.01 -16.00
N PRO A 421 -5.95 26.30 -17.29
CA PRO A 421 -5.52 25.46 -18.42
C PRO A 421 -4.08 24.98 -18.33
N PRO A 422 -3.76 23.83 -18.95
CA PRO A 422 -4.67 22.88 -19.60
C PRO A 422 -5.59 22.09 -18.67
N LEU A 423 -6.90 22.11 -18.95
CA LEU A 423 -7.85 21.32 -18.16
C LEU A 423 -7.74 19.83 -18.52
N VAL A 424 -8.61 19.05 -17.88
CA VAL A 424 -8.59 17.59 -17.96
C VAL A 424 -9.96 17.14 -18.46
N LYS A 425 -10.03 16.77 -19.72
CA LYS A 425 -11.28 16.36 -20.36
C LYS A 425 -11.13 14.96 -20.95
N LEU A 426 -12.26 14.30 -21.15
CA LEU A 426 -12.34 13.02 -21.85
C LEU A 426 -12.46 13.30 -23.34
N TRP A 427 -11.43 12.89 -24.11
CA TRP A 427 -11.29 13.38 -25.48
C TRP A 427 -12.40 12.88 -26.41
N TYR A 428 -12.91 11.66 -26.22
CA TYR A 428 -14.04 11.17 -27.01
C TYR A 428 -15.03 10.41 -26.14
N GLN A 429 -16.16 10.04 -26.73
CA GLN A 429 -17.21 9.31 -26.01
C GLN A 429 -17.85 8.28 -26.94
N LEU A 430 -17.50 7.01 -26.73
CA LEU A 430 -18.05 5.91 -27.51
C LEU A 430 -19.53 5.67 -27.21
N GLU A 431 -20.27 5.23 -28.22
CA GLU A 431 -21.69 5.00 -28.06
C GLU A 431 -21.96 3.78 -27.19
N LYS A 432 -23.10 3.81 -26.51
CA LYS A 432 -23.55 2.70 -25.67
C LYS A 432 -24.36 1.65 -26.42
N GLU A 433 -25.02 2.02 -27.53
CA GLU A 433 -25.86 1.17 -28.36
C GLU A 433 -25.41 1.35 -29.80
N PRO A 434 -25.79 0.41 -30.69
CA PRO A 434 -25.31 0.52 -32.07
C PRO A 434 -26.05 1.58 -32.86
N ILE A 435 -25.33 2.21 -33.78
CA ILE A 435 -25.79 3.40 -34.49
C ILE A 435 -26.62 2.98 -35.70
N VAL A 436 -27.94 3.22 -35.63
CA VAL A 436 -28.82 2.91 -36.75
C VAL A 436 -28.35 3.64 -38.00
N GLY A 437 -28.23 2.92 -39.11
CA GLY A 437 -27.86 3.53 -40.36
C GLY A 437 -26.39 3.79 -40.55
N ALA A 438 -25.53 3.32 -39.66
CA ALA A 438 -24.09 3.47 -39.83
C ALA A 438 -23.48 2.18 -40.36
N GLU A 439 -22.53 2.32 -41.28
CA GLU A 439 -21.89 1.15 -41.86
C GLU A 439 -21.20 0.33 -40.79
N THR A 440 -21.42 -0.99 -40.82
CA THR A 440 -20.87 -1.92 -39.84
C THR A 440 -19.57 -2.52 -40.36
N PHE A 441 -18.46 -2.20 -39.71
CA PHE A 441 -17.17 -2.78 -40.05
C PHE A 441 -16.84 -3.94 -39.13
N TYR A 442 -16.31 -5.02 -39.70
CA TYR A 442 -15.84 -6.18 -38.97
C TYR A 442 -14.33 -6.27 -39.17
N VAL A 443 -13.56 -6.11 -38.10
CA VAL A 443 -12.11 -6.00 -38.23
C VAL A 443 -11.42 -7.24 -37.65
N ASP A 444 -10.18 -7.47 -38.10
CA ASP A 444 -9.33 -8.53 -37.56
C ASP A 444 -7.89 -8.26 -37.95
N GLY A 445 -6.98 -8.79 -37.13
CA GLY A 445 -5.58 -8.83 -37.48
C GLY A 445 -4.99 -10.20 -37.21
N ALA A 446 -3.85 -10.45 -37.83
CA ALA A 446 -3.15 -11.71 -37.63
C ALA A 446 -1.69 -11.51 -37.97
N ALA A 447 -0.80 -12.12 -37.20
CA ALA A 447 0.63 -12.05 -37.43
C ALA A 447 1.28 -13.40 -37.13
N SER A 448 2.44 -13.63 -37.75
CA SER A 448 3.26 -14.81 -37.47
C SER A 448 4.38 -14.44 -36.52
N ARG A 449 4.63 -15.29 -35.53
CA ARG A 449 5.76 -15.06 -34.64
C ARG A 449 7.08 -15.32 -35.34
N GLU A 450 7.14 -16.37 -36.16
CA GLU A 450 8.40 -16.77 -36.75
C GLU A 450 8.89 -15.72 -37.75
N THR A 451 8.01 -15.29 -38.65
CA THR A 451 8.38 -14.35 -39.69
C THR A 451 7.99 -12.90 -39.36
N LYS A 452 7.52 -12.64 -38.13
CA LYS A 452 7.10 -11.33 -37.65
C LYS A 452 6.31 -10.52 -38.68
N LEU A 453 5.59 -11.23 -39.57
CA LEU A 453 4.91 -10.66 -40.72
C LEU A 453 3.40 -10.85 -40.59
N GLY A 454 2.61 -9.84 -40.98
CA GLY A 454 1.18 -9.95 -40.75
C GLY A 454 0.31 -9.09 -41.65
N LYS A 455 -1.00 -9.22 -41.45
CA LYS A 455 -2.03 -8.53 -42.23
C LYS A 455 -3.10 -7.93 -41.32
N ALA A 456 -3.61 -6.76 -41.70
CA ALA A 456 -4.77 -6.16 -41.07
C ALA A 456 -5.86 -5.92 -42.11
N GLY A 457 -7.12 -5.90 -41.70
CA GLY A 457 -8.18 -5.72 -42.67
C GLY A 457 -9.55 -5.52 -42.05
N TYR A 458 -10.53 -5.34 -42.94
CA TYR A 458 -11.93 -5.25 -42.51
C TYR A 458 -12.84 -5.69 -43.63
N VAL A 459 -14.10 -5.87 -43.28
CA VAL A 459 -15.12 -6.40 -44.17
C VAL A 459 -16.42 -5.75 -43.74
N THR A 460 -17.19 -5.26 -44.69
CA THR A 460 -18.28 -4.37 -44.37
C THR A 460 -19.60 -4.94 -44.86
N ASN A 461 -20.69 -4.60 -44.17
CA ASN A 461 -21.99 -5.12 -44.56
C ASN A 461 -22.50 -4.51 -45.85
N LYS A 462 -22.00 -3.33 -46.21
CA LYS A 462 -22.27 -2.66 -47.47
C LYS A 462 -21.41 -3.18 -48.62
N GLY A 463 -20.71 -4.30 -48.41
CA GLY A 463 -19.96 -4.95 -49.47
C GLY A 463 -18.49 -4.61 -49.55
N ARG A 464 -18.02 -3.64 -48.77
CA ARG A 464 -16.66 -3.14 -48.95
C ARG A 464 -15.68 -3.93 -48.12
N GLN A 465 -14.46 -4.05 -48.63
CA GLN A 465 -13.43 -4.80 -47.91
C GLN A 465 -12.06 -4.26 -48.26
N LYS A 466 -11.07 -4.64 -47.44
CA LYS A 466 -9.73 -4.08 -47.55
C LYS A 466 -8.77 -4.90 -46.70
N VAL A 467 -7.57 -5.16 -47.23
CA VAL A 467 -6.54 -5.91 -46.52
C VAL A 467 -5.19 -5.33 -46.86
N VAL A 468 -4.46 -4.85 -45.84
CA VAL A 468 -3.07 -4.41 -46.01
C VAL A 468 -2.14 -5.41 -45.35
N THR A 469 -0.92 -5.50 -45.88
CA THR A 469 0.11 -6.34 -45.28
C THR A 469 1.10 -5.47 -44.53
N LEU A 470 1.28 -5.75 -43.25
CA LEU A 470 2.27 -5.08 -42.42
C LEU A 470 3.51 -5.93 -42.30
N THR A 471 4.60 -5.30 -41.90
CA THR A 471 5.89 -5.94 -41.70
C THR A 471 6.40 -5.60 -40.31
N ASP A 472 7.07 -6.56 -39.67
CA ASP A 472 7.67 -6.37 -38.35
C ASP A 472 6.60 -5.97 -37.32
N THR A 473 5.67 -6.88 -37.08
CA THR A 473 4.55 -6.64 -36.16
C THR A 473 4.35 -7.83 -35.23
N THR A 474 3.32 -7.70 -34.40
CA THR A 474 2.81 -8.72 -33.51
C THR A 474 1.30 -8.80 -33.68
N ASN A 475 0.71 -9.87 -33.17
CA ASN A 475 -0.74 -10.01 -33.22
C ASN A 475 -1.42 -8.79 -32.61
N GLN A 476 -0.88 -8.30 -31.49
CA GLN A 476 -1.47 -7.14 -30.84
C GLN A 476 -1.46 -5.93 -31.76
N LYS A 477 -0.34 -5.69 -32.46
CA LYS A 477 -0.24 -4.52 -33.32
C LYS A 477 -1.21 -4.60 -34.50
N THR A 478 -1.31 -5.76 -35.15
CA THR A 478 -2.21 -5.87 -36.29
C THR A 478 -3.66 -5.65 -35.90
N GLU A 479 -4.07 -6.06 -34.69
CA GLU A 479 -5.46 -5.84 -34.31
C GLU A 479 -5.78 -4.38 -34.08
N LEU A 480 -4.78 -3.55 -33.80
CA LEU A 480 -5.00 -2.11 -33.71
C LEU A 480 -4.98 -1.48 -35.10
N GLN A 481 -4.07 -1.96 -35.97
CA GLN A 481 -4.04 -1.47 -37.34
C GLN A 481 -5.38 -1.65 -38.02
N ALA A 482 -6.00 -2.83 -37.85
CA ALA A 482 -7.30 -3.08 -38.48
C ALA A 482 -8.33 -2.06 -38.02
N ILE A 483 -8.33 -1.71 -36.73
CA ILE A 483 -9.21 -0.65 -36.25
C ILE A 483 -8.81 0.70 -36.84
N HIS A 484 -7.51 0.89 -37.06
CA HIS A 484 -7.03 2.11 -37.71
C HIS A 484 -7.58 2.25 -39.13
N LEU A 485 -7.76 1.12 -39.83
CA LEU A 485 -8.28 1.15 -41.18
C LEU A 485 -9.78 1.40 -41.21
N ALA A 486 -10.54 0.75 -40.34
CA ALA A 486 -11.98 0.98 -40.35
C ALA A 486 -12.30 2.45 -40.08
N LEU A 487 -11.60 3.07 -39.12
CA LEU A 487 -11.87 4.46 -38.80
C LEU A 487 -11.43 5.39 -39.94
N GLN A 488 -10.38 5.00 -40.65
CA GLN A 488 -9.85 5.82 -41.74
C GLN A 488 -10.74 5.79 -42.98
N ASP A 489 -11.29 4.61 -43.32
CA ASP A 489 -12.12 4.46 -44.51
C ASP A 489 -13.60 4.42 -44.17
N SER A 490 -14.08 5.28 -43.29
CA SER A 490 -15.49 5.23 -42.96
C SER A 490 -15.99 6.65 -42.71
N GLY A 491 -17.30 6.76 -42.58
CA GLY A 491 -17.97 8.04 -42.43
C GLY A 491 -17.83 8.63 -41.05
N LEU A 492 -18.78 9.46 -40.67
CA LEU A 492 -18.74 10.05 -39.34
C LEU A 492 -19.42 9.19 -38.30
N GLU A 493 -20.19 8.19 -38.73
CA GLU A 493 -20.84 7.27 -37.81
C GLU A 493 -20.49 5.85 -38.24
N VAL A 494 -19.89 5.07 -37.35
CA VAL A 494 -19.47 3.70 -37.66
C VAL A 494 -19.83 2.76 -36.52
N ASN A 495 -20.17 1.54 -36.86
CA ASN A 495 -20.10 0.45 -35.90
C ASN A 495 -18.86 -0.37 -36.27
N ILE A 496 -18.04 -0.69 -35.27
CA ILE A 496 -16.89 -1.56 -35.43
C ILE A 496 -17.08 -2.77 -34.53
N VAL A 497 -16.78 -3.97 -35.04
CA VAL A 497 -16.66 -5.15 -34.19
C VAL A 497 -15.29 -5.79 -34.40
N THR A 498 -14.55 -5.94 -33.31
CA THR A 498 -13.25 -6.58 -33.25
C THR A 498 -13.37 -7.81 -32.37
N ASP A 499 -12.47 -8.77 -32.56
CA ASP A 499 -12.39 -9.89 -31.63
C ASP A 499 -11.29 -9.70 -30.61
N SER A 500 -10.58 -8.59 -30.65
CA SER A 500 -9.41 -8.36 -29.80
C SER A 500 -9.84 -7.67 -28.50
N GLN A 501 -9.88 -8.44 -27.40
CA GLN A 501 -10.13 -7.83 -26.10
C GLN A 501 -9.06 -6.79 -25.77
N TYR A 502 -7.89 -6.91 -26.37
CA TYR A 502 -6.83 -5.92 -26.18
C TYR A 502 -7.22 -4.58 -26.81
N ALA A 503 -7.51 -4.58 -28.11
CA ALA A 503 -7.86 -3.35 -28.81
C ALA A 503 -9.11 -2.71 -28.20
N LEU A 504 -10.13 -3.51 -27.94
CA LEU A 504 -11.34 -2.99 -27.31
C LEU A 504 -11.02 -2.35 -25.97
N GLY A 505 -10.10 -2.95 -25.22
CA GLY A 505 -9.79 -2.44 -23.89
C GLY A 505 -8.98 -1.15 -23.91
N ILE A 506 -7.92 -1.12 -24.71
CA ILE A 506 -7.06 0.04 -24.83
C ILE A 506 -7.77 1.25 -25.39
N ILE A 507 -9.02 1.10 -25.81
CA ILE A 507 -9.76 2.22 -26.40
C ILE A 507 -10.84 2.69 -25.45
N GLN A 508 -11.40 1.77 -24.65
CA GLN A 508 -12.33 2.17 -23.61
C GLN A 508 -11.65 3.04 -22.55
N ALA A 509 -10.57 2.54 -21.97
CA ALA A 509 -9.63 3.44 -21.31
C ALA A 509 -8.95 4.26 -22.39
N GLN A 510 -8.93 5.58 -22.23
CA GLN A 510 -8.58 6.42 -23.36
C GLN A 510 -7.22 7.10 -23.19
N PRO A 511 -6.15 6.39 -23.44
CA PRO A 511 -4.82 6.93 -23.07
C PRO A 511 -4.39 8.17 -23.85
N ASP A 512 -4.58 9.35 -23.30
CA ASP A 512 -4.22 10.57 -24.02
C ASP A 512 -2.73 10.59 -24.37
N GLN A 513 -1.87 10.22 -23.43
CA GLN A 513 -0.47 10.03 -23.78
C GLN A 513 -0.24 8.59 -24.17
N SER A 514 0.91 8.35 -24.80
CA SER A 514 1.34 7.00 -25.11
C SER A 514 2.76 7.06 -25.67
N GLU A 515 3.38 5.90 -25.75
CA GLU A 515 4.65 5.73 -26.42
C GLU A 515 4.49 5.18 -27.83
N SER A 516 3.36 4.55 -28.14
CA SER A 516 3.11 4.01 -29.47
C SER A 516 2.41 5.06 -30.31
N GLU A 517 2.98 5.35 -31.48
CA GLU A 517 2.33 6.30 -32.36
C GLU A 517 0.98 5.80 -32.83
N LEU A 518 0.89 4.49 -33.14
CA LEU A 518 -0.34 3.93 -33.70
C LEU A 518 -1.55 4.18 -32.80
N VAL A 519 -1.35 4.17 -31.49
CA VAL A 519 -2.53 4.22 -30.63
C VAL A 519 -3.05 5.65 -30.46
N ASN A 520 -2.19 6.67 -30.34
CA ASN A 520 -2.79 8.01 -30.30
C ASN A 520 -3.10 8.53 -31.70
N GLN A 521 -2.48 7.96 -32.73
CA GLN A 521 -3.02 8.06 -34.08
C GLN A 521 -4.50 7.71 -34.09
N ILE A 522 -4.83 6.50 -33.62
CA ILE A 522 -6.22 6.07 -33.55
C ILE A 522 -7.06 7.04 -32.71
N ILE A 523 -6.48 7.61 -31.66
CA ILE A 523 -7.25 8.51 -30.81
C ILE A 523 -7.60 9.79 -31.55
N GLU A 524 -6.74 10.27 -32.44
CA GLU A 524 -7.11 11.40 -33.28
C GLU A 524 -8.30 11.06 -34.16
N GLN A 525 -8.25 9.89 -34.80
CA GLN A 525 -9.37 9.46 -35.63
C GLN A 525 -10.67 9.47 -34.84
N LEU A 526 -10.65 8.91 -33.64
CA LEU A 526 -11.86 8.88 -32.83
C LEU A 526 -12.32 10.28 -32.43
N ILE A 527 -11.38 11.22 -32.29
CA ILE A 527 -11.72 12.60 -31.95
C ILE A 527 -12.54 13.23 -33.06
N LYS A 528 -12.10 13.05 -34.31
CA LYS A 528 -12.77 13.67 -35.45
C LYS A 528 -14.15 13.07 -35.70
N LYS A 529 -14.37 11.82 -35.32
CA LYS A 529 -15.62 11.13 -35.60
C LYS A 529 -16.74 11.61 -34.68
N GLU A 530 -17.96 11.55 -35.20
CA GLU A 530 -19.14 12.06 -34.51
C GLU A 530 -19.81 11.02 -33.63
N LYS A 531 -19.88 9.76 -34.09
CA LYS A 531 -20.53 8.68 -33.34
C LYS A 531 -19.81 7.37 -33.66
N VAL A 532 -19.19 6.76 -32.66
CA VAL A 532 -18.50 5.48 -32.83
C VAL A 532 -19.04 4.50 -31.81
N TYR A 533 -19.42 3.31 -32.27
CA TYR A 533 -19.84 2.21 -31.41
C TYR A 533 -18.90 1.04 -31.66
N LEU A 534 -18.32 0.52 -30.58
CA LEU A 534 -17.26 -0.48 -30.65
C LEU A 534 -17.69 -1.70 -29.85
N ALA A 535 -17.76 -2.85 -30.52
CA ALA A 535 -18.30 -4.06 -29.93
C ALA A 535 -17.29 -5.20 -30.04
N TRP A 536 -17.46 -6.21 -29.19
CA TRP A 536 -16.53 -7.33 -29.18
C TRP A 536 -17.30 -8.65 -29.34
N VAL A 537 -16.80 -9.53 -30.21
CA VAL A 537 -17.27 -10.91 -30.30
C VAL A 537 -16.08 -11.83 -30.06
N PRO A 538 -16.31 -13.06 -29.58
CA PRO A 538 -15.18 -13.99 -29.41
C PRO A 538 -14.70 -14.51 -30.75
N ALA A 539 -13.38 -14.64 -30.87
CA ALA A 539 -12.81 -15.26 -32.05
C ALA A 539 -13.20 -16.73 -32.16
N HIS A 540 -13.18 -17.24 -33.40
CA HIS A 540 -13.28 -18.67 -33.72
C HIS A 540 -14.59 -19.28 -33.22
N LYS A 541 -15.69 -18.76 -33.75
CA LYS A 541 -17.00 -19.28 -33.36
C LYS A 541 -18.00 -19.25 -34.51
N GLY A 542 -17.57 -19.01 -35.76
CA GLY A 542 -18.48 -18.98 -36.88
C GLY A 542 -19.48 -17.85 -36.86
N ILE A 543 -19.12 -16.74 -36.22
CA ILE A 543 -19.96 -15.55 -36.22
C ILE A 543 -19.73 -14.82 -37.54
N GLY A 544 -20.83 -14.49 -38.23
CA GLY A 544 -20.72 -13.82 -39.51
C GLY A 544 -19.95 -12.51 -39.39
N GLY A 545 -19.32 -12.12 -40.48
CA GLY A 545 -18.51 -10.92 -40.49
C GLY A 545 -17.12 -11.18 -39.95
N ASN A 546 -17.04 -11.61 -38.69
CA ASN A 546 -15.76 -11.95 -38.10
C ASN A 546 -15.12 -13.11 -38.84
N GLU A 547 -15.93 -14.12 -39.19
CA GLU A 547 -15.42 -15.28 -39.93
C GLU A 547 -14.84 -14.85 -41.27
N GLN A 548 -15.60 -14.04 -42.02
CA GLN A 548 -15.15 -13.60 -43.34
C GLN A 548 -13.84 -12.83 -43.26
N VAL A 549 -13.75 -11.84 -42.36
CA VAL A 549 -12.54 -11.02 -42.28
C VAL A 549 -11.36 -11.83 -41.76
N ASP A 550 -11.61 -12.74 -40.80
CA ASP A 550 -10.55 -13.61 -40.29
C ASP A 550 -9.98 -14.50 -41.37
N LYS A 551 -10.82 -14.92 -42.33
CA LYS A 551 -10.32 -15.70 -43.46
C LYS A 551 -9.36 -14.88 -44.32
N LEU A 552 -9.72 -13.62 -44.62
CA LEU A 552 -8.86 -12.74 -45.44
C LEU A 552 -7.54 -12.42 -44.76
N VAL A 553 -7.60 -12.11 -43.48
CA VAL A 553 -6.44 -11.60 -42.75
C VAL A 553 -5.42 -12.71 -42.48
N SER A 554 -5.88 -13.93 -42.21
CA SER A 554 -4.99 -15.02 -41.85
C SER A 554 -4.59 -15.88 -43.05
N ALA A 555 -4.90 -15.43 -44.27
CA ALA A 555 -4.62 -16.22 -45.46
C ALA A 555 -3.14 -16.55 -45.61
N GLY A 556 -2.33 -15.55 -45.93
CA GLY A 556 -0.90 -15.80 -46.07
C GLY A 556 -0.17 -16.04 -44.75
N ILE A 557 -0.87 -15.97 -43.61
CA ILE A 557 -0.24 -15.86 -42.30
C ILE A 557 -0.35 -17.16 -41.50
N ARG A 558 -1.45 -17.88 -41.71
CA ARG A 558 -1.70 -19.14 -40.98
C ARG A 558 -2.86 -19.91 -41.60
N THR B 8 1.29 -19.68 32.69
CA THR B 8 0.94 -19.39 31.30
C THR B 8 1.30 -20.54 30.35
N VAL B 9 0.54 -20.68 29.26
CA VAL B 9 0.81 -21.73 28.27
C VAL B 9 2.00 -21.29 27.41
N PRO B 10 3.02 -22.14 27.24
CA PRO B 10 4.14 -21.76 26.36
C PRO B 10 3.70 -21.74 24.90
N VAL B 11 4.11 -20.68 24.20
CA VAL B 11 3.86 -20.51 22.77
C VAL B 11 5.20 -20.44 22.07
N LYS B 12 5.26 -20.97 20.85
CA LYS B 12 6.46 -20.81 20.03
C LYS B 12 6.03 -20.52 18.60
N LEU B 13 7.01 -20.42 17.74
CA LEU B 13 6.80 -20.31 16.30
C LEU B 13 7.21 -21.62 15.63
N LYS B 14 7.01 -21.70 14.31
CA LYS B 14 7.70 -22.71 13.54
C LYS B 14 9.21 -22.55 13.75
N PRO B 15 9.97 -23.65 13.73
CA PRO B 15 11.39 -23.57 14.16
C PRO B 15 12.26 -22.70 13.26
N GLY B 16 11.86 -22.44 12.01
CA GLY B 16 12.61 -21.60 11.11
C GLY B 16 12.06 -20.20 10.91
N MET B 17 11.02 -19.81 11.64
CA MET B 17 10.39 -18.53 11.41
C MET B 17 11.00 -17.44 12.30
N ASP B 18 11.05 -16.22 11.76
CA ASP B 18 11.39 -15.01 12.49
C ASP B 18 10.11 -14.29 12.91
N GLY B 19 10.26 -13.33 13.83
CA GLY B 19 9.13 -12.58 14.33
C GLY B 19 8.61 -11.60 13.30
N PRO B 20 7.42 -11.05 13.56
CA PRO B 20 6.88 -10.05 12.62
C PRO B 20 7.74 -8.80 12.58
N LYS B 21 8.06 -8.36 11.35
CA LYS B 21 8.82 -7.12 11.14
C LYS B 21 8.12 -6.26 10.09
N VAL B 22 6.85 -5.97 10.34
CA VAL B 22 5.96 -5.23 9.43
C VAL B 22 6.09 -3.72 9.66
N LYS B 23 6.20 -2.96 8.59
CA LYS B 23 6.27 -1.50 8.75
C LYS B 23 4.90 -0.92 9.05
N GLN B 24 4.89 0.14 9.87
CA GLN B 24 3.66 0.83 10.23
C GLN B 24 3.21 1.80 9.14
N TRP B 25 1.96 1.67 8.69
CA TRP B 25 1.40 2.66 7.79
C TRP B 25 1.24 3.99 8.54
N PRO B 26 1.46 5.13 7.86
CA PRO B 26 1.35 6.42 8.56
C PRO B 26 -0.07 6.73 9.00
N LEU B 27 -0.20 7.48 10.09
CA LEU B 27 -1.49 7.74 10.71
C LEU B 27 -1.76 9.24 10.84
N THR B 28 -3.04 9.60 10.83
CA THR B 28 -3.45 10.97 11.07
C THR B 28 -3.25 11.33 12.54
N GLU B 29 -3.05 12.64 12.76
CA GLU B 29 -2.84 13.15 14.12
C GLU B 29 -4.03 12.86 15.02
N GLU B 30 -5.25 12.88 14.46
CA GLU B 30 -6.39 12.56 15.31
C GLU B 30 -6.28 11.15 15.85
N LYS B 31 -5.80 10.21 15.03
CA LYS B 31 -5.74 8.83 15.52
C LYS B 31 -4.51 8.61 16.39
N ILE B 32 -3.42 9.36 16.16
CA ILE B 32 -2.24 9.20 17.00
C ILE B 32 -2.55 9.67 18.43
N LYS B 33 -3.23 10.82 18.56
CA LYS B 33 -3.66 11.26 19.87
C LYS B 33 -4.58 10.23 20.53
N ALA B 34 -5.55 9.72 19.78
CA ALA B 34 -6.45 8.72 20.35
C ALA B 34 -5.68 7.48 20.83
N LEU B 35 -4.63 7.09 20.10
CA LEU B 35 -3.88 5.89 20.49
C LEU B 35 -3.01 6.12 21.71
N VAL B 36 -2.43 7.32 21.87
CA VAL B 36 -1.63 7.56 23.05
C VAL B 36 -2.49 7.50 24.30
N GLU B 37 -3.71 8.05 24.23
CA GLU B 37 -4.65 7.93 25.33
C GLU B 37 -4.90 6.47 25.69
N ILE B 38 -5.31 5.68 24.68
CA ILE B 38 -5.65 4.28 24.90
C ILE B 38 -4.46 3.51 25.48
N CYS B 39 -3.27 3.74 24.95
CA CYS B 39 -2.15 2.92 25.40
C CYS B 39 -1.62 3.37 26.75
N THR B 40 -1.79 4.64 27.09
CA THR B 40 -1.44 5.08 28.44
C THR B 40 -2.23 4.29 29.48
N GLU B 41 -3.56 4.33 29.38
CA GLU B 41 -4.39 3.59 30.33
C GLU B 41 -4.07 2.10 30.34
N MET B 42 -3.84 1.51 29.16
CA MET B 42 -3.43 0.11 29.13
C MET B 42 -2.08 -0.11 29.81
N GLU B 43 -1.21 0.91 29.82
CA GLU B 43 0.08 0.72 30.50
C GLU B 43 -0.08 0.75 32.01
N LYS B 44 -0.91 1.67 32.51
CA LYS B 44 -1.24 1.70 33.93
C LYS B 44 -1.83 0.37 34.37
N GLU B 45 -2.86 -0.08 33.68
CA GLU B 45 -3.52 -1.33 34.05
C GLU B 45 -2.66 -2.57 33.80
N GLY B 46 -1.36 -2.48 33.46
CA GLY B 46 -0.47 -3.63 33.37
C GLY B 46 -0.56 -4.43 32.10
N LYS B 47 -1.41 -4.02 31.14
CA LYS B 47 -1.71 -4.83 29.96
C LYS B 47 -0.59 -4.80 28.93
N ILE B 48 0.05 -3.64 28.75
CA ILE B 48 1.22 -3.53 27.88
C ILE B 48 2.36 -2.87 28.67
N SER B 49 3.55 -2.88 28.08
CA SER B 49 4.74 -2.26 28.66
C SER B 49 5.60 -1.63 27.58
N LYS B 50 6.10 -0.42 27.83
CA LYS B 50 7.14 0.16 26.98
C LYS B 50 8.33 -0.79 26.90
N ILE B 51 9.01 -0.79 25.75
CA ILE B 51 10.15 -1.68 25.51
C ILE B 51 11.28 -0.86 24.88
N GLY B 52 12.47 -1.44 24.90
CA GLY B 52 13.60 -0.74 24.35
C GLY B 52 13.84 -0.97 22.87
N PRO B 53 15.03 -0.60 22.40
CA PRO B 53 15.38 -0.85 21.00
C PRO B 53 15.98 -2.22 20.74
N GLU B 54 16.25 -3.01 21.78
CA GLU B 54 16.77 -4.36 21.61
C GLU B 54 15.70 -5.35 21.14
N ASN B 55 14.44 -4.92 21.07
CA ASN B 55 13.35 -5.70 20.53
C ASN B 55 13.16 -5.28 19.09
N PRO B 56 13.40 -6.16 18.11
CA PRO B 56 13.39 -5.72 16.71
C PRO B 56 12.13 -6.07 15.93
N TYR B 57 11.04 -6.37 16.62
CA TYR B 57 9.83 -6.84 15.96
C TYR B 57 8.77 -5.75 15.97
N ASN B 58 7.91 -5.79 14.95
CA ASN B 58 6.86 -4.78 14.89
C ASN B 58 5.68 -5.30 14.10
N THR B 59 4.51 -4.75 14.43
CA THR B 59 3.21 -5.17 13.99
C THR B 59 2.37 -3.91 13.91
N PRO B 60 1.70 -3.65 12.79
CA PRO B 60 1.02 -2.34 12.63
C PRO B 60 -0.07 -2.14 13.65
N VAL B 61 -0.40 -0.87 13.91
CA VAL B 61 -1.46 -0.50 14.85
C VAL B 61 -2.31 0.60 14.25
N PHE B 62 -3.63 0.54 14.47
CA PHE B 62 -4.56 1.46 13.82
C PHE B 62 -5.62 1.91 14.82
N ALA B 63 -6.52 2.78 14.36
CA ALA B 63 -7.59 3.29 15.20
C ALA B 63 -8.93 3.22 14.47
N ILE B 64 -9.94 2.72 15.18
CA ILE B 64 -11.24 2.34 14.66
C ILE B 64 -12.30 3.00 15.53
N LYS B 65 -13.47 3.31 14.94
CA LYS B 65 -14.53 3.93 15.73
C LYS B 65 -15.43 2.91 16.41
N LYS B 66 -15.96 1.96 15.65
CA LYS B 66 -16.75 0.80 16.13
C LYS B 66 -17.81 1.19 17.17
N LYS B 67 -18.82 1.93 16.69
CA LYS B 67 -19.98 2.37 17.49
C LYS B 67 -19.57 3.22 18.71
N LYS B 71 -16.47 6.21 20.74
CA LYS B 71 -15.19 6.87 20.99
C LYS B 71 -14.17 6.47 19.92
N TRP B 72 -13.05 5.87 20.34
CA TRP B 72 -12.10 5.22 19.46
C TRP B 72 -11.81 3.84 19.99
N ARG B 73 -10.94 3.13 19.27
CA ARG B 73 -10.58 1.77 19.63
C ARG B 73 -9.26 1.46 18.95
N LYS B 74 -8.43 0.69 19.63
CA LYS B 74 -7.16 0.27 19.08
C LYS B 74 -7.33 -1.07 18.36
N LEU B 75 -6.97 -1.10 17.08
CA LEU B 75 -6.82 -2.32 16.32
C LEU B 75 -5.33 -2.62 16.15
N VAL B 76 -4.92 -3.85 16.46
CA VAL B 76 -3.58 -4.32 16.13
C VAL B 76 -3.71 -5.33 15.00
N ASP B 77 -3.11 -5.02 13.86
CA ASP B 77 -3.19 -5.88 12.68
C ASP B 77 -2.16 -6.99 12.87
N PHE B 78 -2.61 -8.11 13.43
CA PHE B 78 -1.74 -9.25 13.67
C PHE B 78 -1.74 -10.27 12.53
N ARG B 79 -2.06 -9.86 11.30
CA ARG B 79 -2.17 -10.85 10.23
C ARG B 79 -0.86 -11.63 10.03
N GLU B 80 0.27 -10.98 10.21
CA GLU B 80 1.56 -11.61 9.99
C GLU B 80 1.96 -12.49 11.15
N LEU B 81 1.61 -12.12 12.38
CA LEU B 81 1.99 -12.93 13.52
C LEU B 81 1.14 -14.18 13.62
N ASN B 82 -0.16 -14.06 13.31
CA ASN B 82 -1.00 -15.24 13.26
C ASN B 82 -0.43 -16.28 12.30
N LYS B 83 -0.05 -15.86 11.09
CA LYS B 83 0.57 -16.77 10.14
C LYS B 83 1.77 -17.49 10.74
N LYS B 84 2.59 -16.77 11.47
CA LYS B 84 3.81 -17.39 11.96
C LYS B 84 3.59 -18.27 13.19
N THR B 85 2.35 -18.32 13.72
CA THR B 85 1.99 -19.21 14.82
C THR B 85 0.82 -20.14 14.48
N GLN B 86 0.55 -20.36 13.19
CA GLN B 86 -0.68 -21.02 12.76
C GLN B 86 -0.77 -22.47 13.27
N ASP B 87 0.36 -23.18 13.35
CA ASP B 87 0.33 -24.50 13.96
C ASP B 87 -0.14 -24.42 15.40
N PHE B 88 0.33 -23.42 16.14
CA PHE B 88 -0.05 -23.30 17.53
C PHE B 88 -1.58 -23.24 17.72
N TRP B 89 -2.24 -22.29 17.07
CA TRP B 89 -3.66 -22.07 17.36
C TRP B 89 -4.61 -22.86 16.45
N GLU B 90 -4.11 -23.63 15.48
CA GLU B 90 -4.97 -24.41 14.60
C GLU B 90 -4.86 -25.91 14.81
N VAL B 91 -3.64 -26.47 14.73
CA VAL B 91 -3.47 -27.91 14.89
C VAL B 91 -3.56 -28.33 16.35
N GLN B 92 -3.07 -27.48 17.27
CA GLN B 92 -2.96 -27.84 18.69
C GLN B 92 -4.25 -27.54 19.45
N LEU B 93 -4.57 -26.25 19.63
CA LEU B 93 -5.65 -25.82 20.50
C LEU B 93 -6.87 -25.33 19.72
N GLY B 94 -7.00 -25.73 18.45
CA GLY B 94 -8.01 -25.16 17.59
C GLY B 94 -9.42 -25.33 18.12
N ILE B 95 -10.30 -24.45 17.64
CA ILE B 95 -11.72 -24.45 18.02
C ILE B 95 -12.50 -25.09 16.87
N PRO B 96 -13.09 -26.29 17.06
CA PRO B 96 -13.82 -26.92 15.95
C PRO B 96 -15.12 -26.18 15.66
N HIS B 97 -15.67 -26.39 14.27
CA HIS B 97 -16.75 -25.60 13.67
C HIS B 97 -18.09 -26.32 13.80
N PRO B 98 -19.16 -25.59 14.16
CA PRO B 98 -20.50 -26.18 14.16
C PRO B 98 -21.23 -26.03 12.84
N ALA B 99 -21.39 -27.15 12.13
CA ALA B 99 -22.11 -27.13 10.85
C ALA B 99 -23.53 -26.61 11.02
N GLY B 100 -24.14 -26.81 12.18
CA GLY B 100 -25.50 -26.36 12.36
C GLY B 100 -25.67 -24.86 12.47
N LEU B 101 -24.57 -24.11 12.53
CA LEU B 101 -24.70 -22.68 12.81
C LEU B 101 -25.39 -21.95 11.67
N LYS B 102 -25.03 -22.27 10.42
CA LYS B 102 -25.60 -21.58 9.27
C LYS B 102 -27.09 -21.89 9.08
N LYS B 103 -27.59 -22.98 9.66
CA LYS B 103 -28.98 -23.38 9.52
C LYS B 103 -29.91 -22.70 10.53
N LYS B 104 -29.36 -22.05 11.55
CA LYS B 104 -30.19 -21.27 12.44
C LYS B 104 -30.95 -20.20 11.65
N LYS B 105 -32.19 -19.94 12.06
CA LYS B 105 -32.95 -18.88 11.39
C LYS B 105 -32.40 -17.50 11.70
N SER B 106 -31.65 -17.36 12.79
CA SER B 106 -31.09 -16.07 13.16
C SER B 106 -29.89 -16.26 14.08
N VAL B 107 -28.88 -15.41 13.89
CA VAL B 107 -27.65 -15.39 14.67
C VAL B 107 -27.29 -13.93 14.94
N THR B 108 -26.86 -13.63 16.16
CA THR B 108 -26.36 -12.31 16.47
C THR B 108 -24.93 -12.41 17.02
N VAL B 109 -24.23 -11.27 16.97
CA VAL B 109 -22.79 -11.20 17.17
C VAL B 109 -22.50 -10.50 18.50
N LEU B 110 -21.57 -11.05 19.27
CA LEU B 110 -21.21 -10.51 20.58
C LEU B 110 -19.70 -10.28 20.67
N ASP B 111 -19.32 -9.10 21.15
CA ASP B 111 -17.93 -8.80 21.44
C ASP B 111 -17.56 -9.34 22.83
N VAL B 112 -16.53 -10.16 22.89
CA VAL B 112 -16.02 -10.60 24.18
C VAL B 112 -14.53 -10.26 24.25
N GLY B 113 -14.18 -9.07 23.74
CA GLY B 113 -12.79 -8.69 23.71
C GLY B 113 -12.19 -8.59 25.10
N ASP B 114 -12.89 -7.91 26.01
CA ASP B 114 -12.37 -7.65 27.34
C ASP B 114 -12.14 -8.93 28.14
N ALA B 115 -12.52 -10.09 27.63
CA ALA B 115 -12.32 -11.36 28.33
C ALA B 115 -10.91 -11.89 28.20
N TYR B 116 -10.03 -11.22 27.46
CA TYR B 116 -8.65 -11.66 27.34
C TYR B 116 -7.72 -10.94 28.30
N PHE B 117 -8.05 -9.69 28.63
CA PHE B 117 -7.12 -8.82 29.34
C PHE B 117 -6.71 -9.39 30.69
N SER B 118 -7.55 -10.22 31.29
CA SER B 118 -7.15 -10.81 32.56
C SER B 118 -6.04 -11.86 32.39
N VAL B 119 -5.98 -12.54 31.26
CA VAL B 119 -5.14 -13.74 31.15
C VAL B 119 -3.70 -13.32 30.84
N PRO B 120 -2.71 -13.77 31.61
CA PRO B 120 -1.34 -13.38 31.33
C PRO B 120 -0.82 -14.09 30.09
N LEU B 121 0.27 -13.53 29.56
CA LEU B 121 0.85 -13.97 28.30
C LEU B 121 2.27 -14.48 28.55
N ASP B 122 2.60 -15.61 27.92
CA ASP B 122 3.91 -16.27 28.13
C ASP B 122 5.05 -15.28 27.95
N GLU B 123 5.96 -15.24 28.92
CA GLU B 123 7.00 -14.22 28.94
C GLU B 123 7.90 -14.29 27.71
N ASP B 124 8.35 -15.50 27.32
CA ASP B 124 9.28 -15.61 26.21
C ASP B 124 8.64 -15.26 24.87
N PHE B 125 7.33 -15.11 24.82
CA PHE B 125 6.62 -14.83 23.60
C PHE B 125 6.20 -13.36 23.44
N ARG B 126 6.30 -12.54 24.50
CA ARG B 126 5.76 -11.19 24.40
C ARG B 126 6.53 -10.32 23.42
N LYS B 127 7.83 -10.57 23.20
CA LYS B 127 8.58 -9.71 22.29
C LYS B 127 8.01 -9.74 20.88
N TYR B 128 7.44 -10.87 20.47
CA TYR B 128 6.88 -10.95 19.13
C TYR B 128 5.65 -10.10 18.97
N THR B 129 5.15 -9.52 20.05
CA THR B 129 3.89 -8.81 19.98
C THR B 129 4.05 -7.30 19.94
N ALA B 130 5.26 -6.82 19.65
CA ALA B 130 5.61 -5.41 19.74
C ALA B 130 4.88 -4.55 18.71
N PHE B 131 4.47 -3.36 19.11
CA PHE B 131 3.87 -2.42 18.18
C PHE B 131 4.28 -0.99 18.52
N THR B 132 4.12 -0.08 17.55
CA THR B 132 4.78 1.23 17.57
C THR B 132 3.79 2.34 17.29
N ILE B 133 3.41 3.12 18.29
CA ILE B 133 2.66 4.32 17.97
C ILE B 133 3.59 5.31 17.27
N PRO B 134 3.30 5.75 16.05
CA PRO B 134 4.22 6.62 15.32
C PRO B 134 3.94 8.08 15.64
N SER B 135 4.87 8.93 15.21
CA SER B 135 4.68 10.37 15.40
C SER B 135 4.65 11.07 14.06
N ILE B 136 3.94 12.20 14.04
CA ILE B 136 3.81 12.98 12.81
C ILE B 136 5.19 13.44 12.37
N ASN B 137 5.40 13.46 11.07
CA ASN B 137 6.59 14.06 10.49
C ASN B 137 7.87 13.49 11.07
N ASN B 138 7.79 12.35 11.75
CA ASN B 138 8.96 11.66 12.29
C ASN B 138 9.76 12.54 13.24
N GLU B 139 9.06 13.43 13.92
CA GLU B 139 9.65 14.39 14.84
C GLU B 139 9.93 13.79 16.20
N THR B 140 9.74 12.49 16.35
CA THR B 140 9.72 11.83 17.64
C THR B 140 10.02 10.37 17.37
N PRO B 141 10.78 9.69 18.24
CA PRO B 141 11.23 8.33 17.92
C PRO B 141 10.11 7.33 17.61
N GLY B 142 8.98 7.43 18.31
CA GLY B 142 7.97 6.40 18.16
C GLY B 142 7.87 5.58 19.42
N ILE B 143 6.67 5.50 19.97
CA ILE B 143 6.42 4.87 21.26
C ILE B 143 6.19 3.36 21.08
N ARG B 144 7.02 2.53 21.71
CA ARG B 144 7.04 1.08 21.47
C ARG B 144 6.55 0.30 22.68
N TYR B 145 5.33 -0.25 22.61
CA TYR B 145 4.86 -1.13 23.66
C TYR B 145 5.03 -2.61 23.25
N GLN B 146 4.64 -3.50 24.16
CA GLN B 146 4.45 -4.92 23.88
C GLN B 146 3.45 -5.44 24.90
N TYR B 147 2.76 -6.52 24.55
CA TYR B 147 1.66 -7.01 25.36
C TYR B 147 2.16 -7.88 26.50
N ASN B 148 1.53 -7.72 27.66
CA ASN B 148 1.78 -8.58 28.82
C ASN B 148 0.67 -9.60 29.02
N VAL B 149 -0.51 -9.35 28.43
CA VAL B 149 -1.66 -10.23 28.46
C VAL B 149 -2.00 -10.71 27.06
N LEU B 150 -3.04 -11.54 26.94
CA LEU B 150 -3.49 -12.10 25.66
C LEU B 150 -4.03 -11.00 24.77
N PRO B 151 -3.51 -10.81 23.57
CA PRO B 151 -3.94 -9.66 22.77
C PRO B 151 -5.21 -9.92 21.98
N GLN B 152 -6.15 -8.98 22.00
CA GLN B 152 -7.28 -9.02 21.08
C GLN B 152 -6.77 -8.98 19.66
N GLY B 153 -7.09 -10.02 18.89
CA GLY B 153 -6.70 -10.09 17.50
C GLY B 153 -5.61 -11.08 17.21
N TRP B 154 -4.94 -11.61 18.23
CA TRP B 154 -4.06 -12.75 18.03
C TRP B 154 -4.87 -14.03 18.07
N LYS B 155 -4.60 -14.93 17.14
CA LYS B 155 -5.44 -16.11 17.08
C LYS B 155 -5.13 -17.07 18.22
N GLY B 156 -3.90 -17.04 18.73
CA GLY B 156 -3.59 -17.77 19.95
C GLY B 156 -4.46 -17.40 21.14
N SER B 157 -5.14 -16.24 21.09
CA SER B 157 -5.84 -15.77 22.28
C SER B 157 -7.07 -16.59 22.58
N PRO B 158 -8.04 -16.74 21.66
CA PRO B 158 -9.15 -17.66 21.95
C PRO B 158 -8.71 -19.11 22.05
N ALA B 159 -7.67 -19.51 21.31
CA ALA B 159 -7.15 -20.86 21.44
C ALA B 159 -6.71 -21.16 22.86
N ILE B 160 -6.11 -20.18 23.54
CA ILE B 160 -5.64 -20.40 24.90
C ILE B 160 -6.79 -20.25 25.89
N PHE B 161 -7.59 -19.21 25.72
CA PHE B 161 -8.83 -19.02 26.44
C PHE B 161 -9.88 -20.08 26.11
N GLN B 162 -9.57 -21.00 25.18
CA GLN B 162 -10.49 -22.07 24.79
C GLN B 162 -11.03 -22.80 26.02
N SER B 163 -10.13 -23.49 26.73
CA SER B 163 -10.46 -24.21 27.95
C SER B 163 -11.42 -23.42 28.83
N SER B 164 -10.97 -22.28 29.35
CA SER B 164 -11.82 -21.48 30.23
C SER B 164 -13.09 -20.98 29.56
N MET B 165 -13.28 -21.17 28.25
CA MET B 165 -14.51 -20.73 27.60
C MET B 165 -15.57 -21.83 27.61
N THR B 166 -15.16 -23.09 27.48
CA THR B 166 -16.09 -24.21 27.66
C THR B 166 -16.64 -24.21 29.08
N LYS B 167 -15.75 -24.05 30.07
CA LYS B 167 -16.14 -24.09 31.48
C LYS B 167 -16.99 -22.89 31.89
N ILE B 168 -17.01 -21.82 31.10
CA ILE B 168 -17.79 -20.63 31.44
C ILE B 168 -19.15 -20.62 30.74
N LEU B 169 -19.41 -21.58 29.85
CA LEU B 169 -20.66 -21.62 29.10
C LEU B 169 -21.46 -22.90 29.28
N GLU B 170 -20.83 -24.00 29.65
CA GLU B 170 -21.54 -25.24 29.93
C GLU B 170 -22.79 -25.06 30.78
N PRO B 171 -22.80 -24.23 31.84
CA PRO B 171 -24.07 -23.97 32.54
C PRO B 171 -25.18 -23.42 31.65
N PHE B 172 -24.88 -22.41 30.82
CA PHE B 172 -25.89 -21.92 29.89
C PHE B 172 -26.20 -22.97 28.82
N ARG B 173 -25.17 -23.64 28.29
CA ARG B 173 -25.35 -24.60 27.22
C ARG B 173 -26.02 -25.88 27.71
N LYS B 174 -25.98 -26.16 29.01
CA LYS B 174 -26.75 -27.28 29.54
C LYS B 174 -28.23 -26.92 29.65
N GLN B 175 -28.55 -25.69 30.05
CA GLN B 175 -29.94 -25.23 30.10
C GLN B 175 -30.51 -24.88 28.73
N ASN B 176 -29.67 -24.86 27.69
CA ASN B 176 -30.10 -24.67 26.31
C ASN B 176 -29.21 -25.52 25.39
N PRO B 177 -29.39 -26.85 25.40
CA PRO B 177 -28.60 -27.71 24.50
C PRO B 177 -29.09 -27.73 23.07
N ASP B 178 -30.20 -27.04 22.77
CA ASP B 178 -30.61 -26.78 21.40
C ASP B 178 -29.75 -25.68 20.77
N ILE B 179 -29.59 -24.57 21.49
CA ILE B 179 -28.87 -23.40 20.98
C ILE B 179 -27.40 -23.76 20.77
N VAL B 180 -26.87 -23.37 19.60
CA VAL B 180 -25.47 -23.56 19.27
C VAL B 180 -24.78 -22.21 19.31
N ILE B 181 -23.63 -22.15 19.97
CA ILE B 181 -22.87 -20.92 20.06
C ILE B 181 -21.42 -21.21 19.72
N TYR B 182 -20.84 -20.38 18.86
CA TYR B 182 -19.51 -20.60 18.31
C TYR B 182 -18.73 -19.31 18.37
N GLN B 183 -17.42 -19.45 18.55
CA GLN B 183 -16.53 -18.33 18.83
C GLN B 183 -15.43 -18.26 17.77
N TYR B 184 -15.41 -17.17 17.00
CA TYR B 184 -14.28 -16.84 16.14
C TYR B 184 -13.66 -15.53 16.64
N MET B 185 -12.41 -15.62 17.13
CA MET B 185 -11.65 -14.49 17.64
C MET B 185 -12.31 -13.84 18.86
N ASP B 186 -12.58 -12.55 18.77
CA ASP B 186 -13.20 -11.82 19.85
C ASP B 186 -14.73 -11.81 19.75
N ASP B 187 -15.31 -12.71 18.98
CA ASP B 187 -16.73 -12.69 18.71
C ASP B 187 -17.40 -14.01 19.11
N LEU B 188 -18.64 -13.88 19.60
CA LEU B 188 -19.50 -15.02 19.88
C LEU B 188 -20.67 -15.00 18.90
N TYR B 189 -21.04 -16.18 18.41
CA TYR B 189 -22.13 -16.34 17.45
C TYR B 189 -23.20 -17.24 18.08
N VAL B 190 -24.42 -16.73 18.17
CA VAL B 190 -25.50 -17.41 18.88
C VAL B 190 -26.48 -17.99 17.86
N GLY B 191 -26.45 -19.31 17.70
CA GLY B 191 -27.34 -19.97 16.76
C GLY B 191 -28.66 -20.38 17.38
N SER B 192 -29.78 -19.88 16.82
CA SER B 192 -31.11 -20.13 17.36
C SER B 192 -32.14 -20.33 16.25
N ASP B 193 -33.20 -21.06 16.61
CA ASP B 193 -34.41 -21.12 15.81
C ASP B 193 -35.59 -20.36 16.41
N LEU B 194 -35.48 -19.88 17.66
CA LEU B 194 -36.55 -19.15 18.30
C LEU B 194 -36.89 -17.88 17.49
N GLU B 195 -38.03 -17.28 17.81
CA GLU B 195 -38.50 -16.11 17.08
C GLU B 195 -37.81 -14.84 17.59
N ILE B 196 -38.05 -13.72 16.88
CA ILE B 196 -37.30 -12.48 17.11
C ILE B 196 -37.38 -12.06 18.57
N GLY B 197 -38.56 -12.19 19.19
CA GLY B 197 -38.70 -11.79 20.58
C GLY B 197 -37.97 -12.71 21.54
N GLN B 198 -38.18 -14.02 21.39
CA GLN B 198 -37.55 -15.04 22.25
C GLN B 198 -36.07 -15.25 21.94
N HIS B 199 -35.53 -14.55 20.94
CA HIS B 199 -34.11 -14.51 20.62
C HIS B 199 -33.39 -13.39 21.37
N ARG B 200 -33.92 -12.17 21.26
CA ARG B 200 -33.26 -11.02 21.88
C ARG B 200 -33.30 -11.11 23.40
N THR B 201 -34.39 -11.66 23.93
CA THR B 201 -34.43 -11.96 25.36
C THR B 201 -33.28 -12.89 25.73
N LYS B 202 -33.03 -13.91 24.90
CA LYS B 202 -31.97 -14.87 25.20
C LYS B 202 -30.59 -14.24 25.16
N ILE B 203 -30.37 -13.28 24.25
CA ILE B 203 -29.05 -12.66 24.15
C ILE B 203 -28.76 -11.79 25.37
N GLU B 204 -29.73 -10.95 25.77
CA GLU B 204 -29.50 -10.08 26.91
C GLU B 204 -29.46 -10.84 28.23
N GLU B 205 -29.99 -12.07 28.26
CA GLU B 205 -29.74 -12.97 29.38
C GLU B 205 -28.29 -13.41 29.41
N LEU B 206 -27.80 -13.92 28.28
CA LEU B 206 -26.42 -14.37 28.21
C LEU B 206 -25.44 -13.21 28.44
N ARG B 207 -25.83 -11.95 28.13
CA ARG B 207 -24.98 -10.80 28.43
C ARG B 207 -24.90 -10.55 29.93
N GLN B 208 -25.91 -10.98 30.68
CA GLN B 208 -25.86 -10.86 32.14
C GLN B 208 -25.22 -12.09 32.78
N HIS B 209 -25.34 -13.26 32.15
CA HIS B 209 -24.62 -14.43 32.63
C HIS B 209 -23.10 -14.24 32.50
N LEU B 210 -22.66 -13.51 31.47
CA LEU B 210 -21.24 -13.28 31.25
C LEU B 210 -20.73 -12.04 31.96
N LEU B 211 -21.52 -10.96 31.97
CA LEU B 211 -21.14 -9.76 32.73
C LEU B 211 -20.88 -10.09 34.19
N ARG B 212 -21.45 -11.19 34.70
CA ARG B 212 -21.03 -11.73 35.99
C ARG B 212 -19.52 -11.94 36.03
N TRP B 213 -19.00 -12.77 35.13
CA TRP B 213 -17.55 -13.00 35.05
C TRP B 213 -16.83 -11.77 34.50
N GLU B 234 -27.28 -9.46 14.47
CA GLU B 234 -28.62 -9.21 13.91
C GLU B 234 -28.77 -9.76 12.48
N LEU B 235 -28.30 -10.98 12.24
CA LEU B 235 -28.26 -11.52 10.89
C LEU B 235 -28.96 -12.88 10.84
N HIS B 236 -29.41 -13.24 9.65
CA HIS B 236 -30.17 -14.47 9.42
C HIS B 236 -29.54 -15.22 8.26
N PRO B 237 -28.82 -16.30 8.52
CA PRO B 237 -28.15 -17.01 7.41
C PRO B 237 -29.11 -17.66 6.43
N ASP B 238 -30.39 -17.85 6.80
CA ASP B 238 -31.32 -18.47 5.87
C ASP B 238 -31.73 -17.51 4.75
N LYS B 239 -31.73 -16.20 5.02
CA LYS B 239 -32.03 -15.25 3.96
C LYS B 239 -30.91 -15.15 2.94
N TRP B 240 -29.72 -15.68 3.22
CA TRP B 240 -28.67 -15.73 2.21
C TRP B 240 -28.97 -16.88 1.26
N THR B 241 -28.95 -16.58 -0.04
CA THR B 241 -29.30 -17.55 -1.07
C THR B 241 -28.45 -17.28 -2.30
N VAL B 242 -27.73 -18.29 -2.77
CA VAL B 242 -27.14 -18.19 -4.09
C VAL B 242 -28.27 -17.94 -5.08
N GLN B 243 -28.07 -17.00 -5.99
CA GLN B 243 -29.14 -16.56 -6.85
C GLN B 243 -28.90 -16.97 -8.30
N PRO B 244 -29.96 -17.13 -9.08
CA PRO B 244 -29.80 -17.55 -10.47
C PRO B 244 -29.49 -16.37 -11.38
N ILE B 245 -28.77 -16.67 -12.46
CA ILE B 245 -28.59 -15.76 -13.58
C ILE B 245 -29.88 -15.75 -14.40
N VAL B 246 -30.29 -14.58 -14.87
CA VAL B 246 -31.43 -14.46 -15.79
C VAL B 246 -30.96 -13.70 -17.02
N LEU B 247 -31.19 -14.28 -18.18
CA LEU B 247 -30.85 -13.70 -19.46
C LEU B 247 -31.97 -12.78 -19.93
N PRO B 248 -31.65 -11.82 -20.79
CA PRO B 248 -32.69 -10.95 -21.36
C PRO B 248 -33.82 -11.77 -21.97
N GLU B 249 -35.03 -11.20 -21.93
CA GLU B 249 -36.21 -11.77 -22.59
C GLU B 249 -36.67 -10.75 -23.62
N LYS B 250 -36.57 -11.10 -24.90
CA LYS B 250 -36.75 -10.13 -25.95
C LYS B 250 -37.80 -10.57 -26.96
N ASP B 251 -38.51 -9.59 -27.49
CA ASP B 251 -39.42 -9.77 -28.60
C ASP B 251 -38.65 -9.84 -29.92
N SER B 252 -37.85 -8.82 -30.21
CA SER B 252 -37.04 -8.73 -31.41
C SER B 252 -35.57 -8.81 -31.02
N TRP B 253 -34.96 -9.96 -31.29
CA TRP B 253 -33.51 -10.04 -31.17
C TRP B 253 -32.86 -9.41 -32.39
N THR B 254 -31.72 -8.78 -32.17
CA THR B 254 -31.01 -8.04 -33.20
C THR B 254 -29.63 -8.66 -33.37
N VAL B 255 -28.87 -8.29 -34.41
CA VAL B 255 -27.56 -8.91 -34.58
C VAL B 255 -26.71 -8.64 -33.37
N ASN B 256 -26.72 -7.39 -32.90
CA ASN B 256 -25.97 -6.95 -31.74
C ASN B 256 -26.39 -7.70 -30.48
N ASP B 257 -27.71 -7.73 -30.19
CA ASP B 257 -28.21 -8.44 -29.02
C ASP B 257 -27.65 -9.86 -28.94
N ILE B 258 -27.67 -10.59 -30.06
CA ILE B 258 -27.16 -11.95 -30.06
C ILE B 258 -25.65 -11.95 -29.86
N GLN B 259 -24.93 -11.06 -30.57
CA GLN B 259 -23.47 -11.02 -30.41
C GLN B 259 -23.07 -10.77 -28.97
N LYS B 260 -23.80 -9.88 -28.28
CA LYS B 260 -23.52 -9.66 -26.86
C LYS B 260 -23.78 -10.92 -26.06
N LEU B 261 -24.85 -11.64 -26.41
CA LEU B 261 -25.26 -12.77 -25.61
C LEU B 261 -24.36 -13.98 -25.84
N VAL B 262 -23.82 -14.17 -27.04
CA VAL B 262 -22.99 -15.35 -27.17
C VAL B 262 -21.65 -15.10 -26.51
N GLY B 263 -21.16 -13.86 -26.52
CA GLY B 263 -19.92 -13.58 -25.83
C GLY B 263 -20.03 -13.86 -24.34
N LYS B 264 -21.16 -13.47 -23.74
CA LYS B 264 -21.38 -13.73 -22.32
C LYS B 264 -21.55 -15.23 -22.06
N LEU B 265 -22.34 -15.92 -22.88
CA LEU B 265 -22.59 -17.35 -22.67
C LEU B 265 -21.35 -18.16 -22.94
N ASN B 266 -20.63 -17.87 -24.03
CA ASN B 266 -19.38 -18.56 -24.30
C ASN B 266 -18.45 -18.49 -23.11
N TRP B 267 -18.41 -17.33 -22.43
CA TRP B 267 -17.55 -17.15 -21.26
C TRP B 267 -18.07 -17.95 -20.06
N ALA B 268 -19.38 -17.96 -19.86
CA ALA B 268 -19.93 -18.65 -18.70
C ALA B 268 -20.01 -20.16 -18.89
N SER B 269 -19.65 -20.66 -20.08
CA SER B 269 -19.53 -22.10 -20.20
C SER B 269 -18.34 -22.64 -19.40
N GLN B 270 -17.49 -21.75 -18.86
CA GLN B 270 -16.44 -22.17 -17.94
C GLN B 270 -16.98 -22.48 -16.55
N ILE B 271 -18.14 -21.95 -16.18
CA ILE B 271 -18.75 -22.26 -14.91
C ILE B 271 -19.94 -23.20 -15.05
N TYR B 272 -20.68 -23.11 -16.16
CA TYR B 272 -21.73 -24.06 -16.53
C TYR B 272 -21.30 -24.72 -17.84
N PRO B 273 -20.65 -25.88 -17.80
CA PRO B 273 -20.17 -26.49 -19.06
C PRO B 273 -21.29 -27.02 -19.96
N GLY B 274 -22.51 -27.20 -19.44
CA GLY B 274 -23.63 -27.56 -20.27
C GLY B 274 -24.25 -26.45 -21.08
N ILE B 275 -23.58 -25.32 -21.19
CA ILE B 275 -24.04 -24.18 -21.96
C ILE B 275 -23.44 -24.26 -23.34
N LYS B 276 -24.26 -23.99 -24.36
CA LYS B 276 -23.79 -24.03 -25.72
C LYS B 276 -24.21 -22.76 -26.45
N VAL B 277 -23.45 -22.41 -27.49
CA VAL B 277 -23.81 -21.25 -28.29
C VAL B 277 -23.87 -21.60 -29.77
N ARG B 278 -23.80 -22.90 -30.09
CA ARG B 278 -23.73 -23.33 -31.49
C ARG B 278 -24.92 -22.85 -32.30
N GLN B 279 -26.14 -23.09 -31.79
CA GLN B 279 -27.35 -22.73 -32.53
C GLN B 279 -27.62 -21.22 -32.52
N LEU B 280 -26.99 -20.46 -31.62
CA LEU B 280 -27.13 -19.01 -31.71
C LEU B 280 -26.15 -18.41 -32.72
N CYS B 281 -24.99 -19.03 -32.90
CA CYS B 281 -24.04 -18.51 -33.89
C CYS B 281 -24.42 -18.90 -35.31
N LYS B 282 -25.12 -20.03 -35.49
CA LYS B 282 -25.65 -20.38 -36.79
C LYS B 282 -26.50 -19.24 -37.34
N LEU B 283 -27.14 -18.49 -36.44
CA LEU B 283 -28.02 -17.41 -36.88
C LEU B 283 -27.25 -16.21 -37.42
N LEU B 284 -25.96 -16.09 -37.11
CA LEU B 284 -25.18 -14.95 -37.57
C LEU B 284 -24.32 -15.36 -38.76
N ARG B 285 -25.01 -15.60 -39.88
CA ARG B 285 -24.35 -16.01 -41.11
C ARG B 285 -24.17 -14.79 -42.00
N GLY B 286 -22.96 -14.58 -42.50
CA GLY B 286 -22.67 -13.44 -43.34
C GLY B 286 -22.55 -12.14 -42.57
N THR B 287 -21.93 -11.15 -43.22
CA THR B 287 -21.68 -9.82 -42.69
C THR B 287 -22.94 -8.95 -42.56
N LYS B 288 -23.68 -9.08 -41.46
CA LYS B 288 -24.92 -8.32 -41.28
C LYS B 288 -24.67 -7.01 -40.55
N ALA B 289 -25.52 -6.02 -40.82
CA ALA B 289 -25.49 -4.78 -40.06
C ALA B 289 -25.94 -5.03 -38.64
N LEU B 290 -25.32 -4.32 -37.69
CA LEU B 290 -25.53 -4.59 -36.27
C LEU B 290 -26.98 -4.43 -35.84
N THR B 291 -27.74 -3.58 -36.51
CA THR B 291 -29.11 -3.28 -36.10
C THR B 291 -30.15 -4.24 -36.69
N GLU B 292 -29.73 -5.18 -37.54
CA GLU B 292 -30.68 -6.01 -38.28
C GLU B 292 -31.39 -6.97 -37.35
N VAL B 293 -32.69 -7.14 -37.56
CA VAL B 293 -33.46 -8.07 -36.73
C VAL B 293 -33.28 -9.48 -37.24
N ILE B 294 -32.99 -10.41 -36.33
CA ILE B 294 -32.84 -11.81 -36.65
C ILE B 294 -34.03 -12.55 -36.04
N PRO B 295 -34.79 -13.32 -36.83
CA PRO B 295 -35.79 -14.21 -36.25
C PRO B 295 -35.13 -15.43 -35.63
N LEU B 296 -35.60 -15.79 -34.44
CA LEU B 296 -35.10 -16.99 -33.77
C LEU B 296 -35.70 -18.23 -34.42
N THR B 297 -34.86 -19.01 -35.09
CA THR B 297 -35.26 -20.35 -35.52
C THR B 297 -35.65 -21.19 -34.30
N GLU B 298 -36.37 -22.30 -34.57
CA GLU B 298 -36.74 -23.21 -33.50
C GLU B 298 -35.52 -23.84 -32.84
N GLU B 299 -34.46 -24.12 -33.59
CA GLU B 299 -33.30 -24.74 -32.98
C GLU B 299 -32.57 -23.78 -32.04
N ALA B 300 -32.45 -22.50 -32.44
CA ALA B 300 -31.95 -21.49 -31.53
C ALA B 300 -32.85 -21.37 -30.31
N GLU B 301 -34.15 -21.16 -30.54
CA GLU B 301 -35.10 -20.96 -29.45
C GLU B 301 -35.06 -22.10 -28.45
N LEU B 302 -34.61 -23.28 -28.86
CA LEU B 302 -34.48 -24.38 -27.93
C LEU B 302 -33.21 -24.22 -27.09
N GLU B 303 -32.04 -24.12 -27.75
CA GLU B 303 -30.78 -23.85 -27.06
C GLU B 303 -30.91 -22.75 -26.00
N LEU B 304 -31.49 -21.61 -26.38
CA LEU B 304 -31.73 -20.55 -25.41
C LEU B 304 -32.54 -21.07 -24.23
N ALA B 305 -33.64 -21.78 -24.49
CA ALA B 305 -34.56 -22.18 -23.43
C ALA B 305 -33.96 -23.18 -22.45
N GLU B 306 -32.88 -23.86 -22.79
CA GLU B 306 -32.26 -24.74 -21.83
C GLU B 306 -31.06 -24.10 -21.15
N ASN B 307 -30.31 -23.29 -21.90
CA ASN B 307 -29.37 -22.37 -21.27
C ASN B 307 -30.03 -21.68 -20.09
N ARG B 308 -31.21 -21.09 -20.32
CA ARG B 308 -31.99 -20.50 -19.23
C ARG B 308 -32.21 -21.49 -18.09
N GLU B 309 -32.52 -22.75 -18.42
CA GLU B 309 -32.83 -23.74 -17.40
C GLU B 309 -31.60 -24.18 -16.62
N ILE B 310 -30.43 -24.22 -17.26
CA ILE B 310 -29.18 -24.52 -16.58
C ILE B 310 -28.83 -23.42 -15.58
N LEU B 311 -29.23 -22.19 -15.86
CA LEU B 311 -28.90 -21.07 -14.98
C LEU B 311 -29.90 -20.94 -13.84
N LYS B 312 -31.18 -21.16 -14.11
CA LYS B 312 -32.23 -21.10 -13.11
C LYS B 312 -32.15 -22.24 -12.09
N GLU B 313 -31.27 -23.21 -12.29
CA GLU B 313 -31.04 -24.28 -11.33
C GLU B 313 -29.61 -24.19 -10.82
N PRO B 314 -29.28 -24.86 -9.68
CA PRO B 314 -27.92 -24.69 -9.10
C PRO B 314 -26.79 -25.15 -10.02
N VAL B 315 -25.56 -25.04 -9.52
CA VAL B 315 -24.40 -25.66 -10.16
C VAL B 315 -24.01 -26.88 -9.32
N HIS B 316 -23.28 -27.78 -9.95
CA HIS B 316 -23.00 -29.08 -9.35
C HIS B 316 -21.50 -29.34 -9.38
N GLY B 317 -21.08 -30.39 -8.67
CA GLY B 317 -19.69 -30.78 -8.56
C GLY B 317 -18.84 -29.78 -7.80
N VAL B 318 -19.45 -28.78 -7.19
CA VAL B 318 -18.74 -27.77 -6.40
C VAL B 318 -19.08 -28.01 -4.94
N TYR B 319 -18.02 -28.20 -4.15
CA TYR B 319 -18.12 -28.67 -2.78
CA TYR B 319 -18.17 -28.58 -2.76
C TYR B 319 -17.02 -28.04 -1.94
N TYR B 320 -17.30 -27.78 -0.65
CA TYR B 320 -16.28 -27.11 0.13
C TYR B 320 -15.14 -28.05 0.47
N ASP B 321 -13.93 -27.54 0.37
CA ASP B 321 -12.70 -28.28 0.67
C ASP B 321 -12.02 -27.67 1.90
N PRO B 322 -11.97 -28.38 3.04
CA PRO B 322 -11.39 -27.76 4.25
C PRO B 322 -9.93 -27.38 4.13
N SER B 323 -9.18 -28.02 3.23
CA SER B 323 -7.72 -27.88 3.16
C SER B 323 -7.26 -26.78 2.21
N LYS B 324 -8.18 -26.05 1.58
CA LYS B 324 -7.79 -25.00 0.65
C LYS B 324 -8.32 -23.65 1.13
N ASP B 325 -7.64 -22.59 0.72
CA ASP B 325 -8.02 -21.25 1.11
C ASP B 325 -9.30 -20.83 0.39
N LEU B 326 -10.20 -20.18 1.12
CA LEU B 326 -11.31 -19.50 0.47
C LEU B 326 -10.80 -18.20 -0.16
N ILE B 327 -11.43 -17.82 -1.27
CA ILE B 327 -11.11 -16.59 -2.00
C ILE B 327 -12.41 -15.84 -2.24
N ALA B 328 -12.37 -14.52 -2.15
CA ALA B 328 -13.56 -13.71 -2.32
C ALA B 328 -13.24 -12.56 -3.25
N GLU B 329 -14.03 -12.41 -4.30
CA GLU B 329 -13.75 -11.42 -5.33
C GLU B 329 -14.96 -10.51 -5.47
N ILE B 330 -14.72 -9.21 -5.49
CA ILE B 330 -15.78 -8.22 -5.59
C ILE B 330 -15.62 -7.47 -6.92
N GLN B 331 -16.73 -7.16 -7.56
CA GLN B 331 -16.75 -6.37 -8.79
C GLN B 331 -17.56 -5.11 -8.54
N LYS B 332 -17.10 -3.97 -9.05
CA LYS B 332 -17.89 -2.76 -8.94
C LYS B 332 -18.91 -2.74 -10.06
N GLN B 333 -20.19 -2.68 -9.70
CA GLN B 333 -21.21 -2.69 -10.73
C GLN B 333 -21.65 -1.30 -11.13
N GLY B 334 -21.31 -0.29 -10.33
CA GLY B 334 -21.77 1.07 -10.56
C GLY B 334 -23.08 1.34 -9.84
N GLN B 335 -23.37 2.64 -9.69
CA GLN B 335 -24.59 3.07 -9.02
C GLN B 335 -24.69 2.45 -7.63
N GLY B 336 -23.56 2.41 -6.93
CA GLY B 336 -23.56 1.96 -5.56
C GLY B 336 -23.96 0.52 -5.32
N GLN B 337 -23.79 -0.35 -6.32
CA GLN B 337 -24.03 -1.78 -6.12
C GLN B 337 -22.82 -2.59 -6.57
N TRP B 338 -22.72 -3.80 -6.02
CA TRP B 338 -21.52 -4.62 -6.07
C TRP B 338 -21.92 -6.09 -6.14
N THR B 339 -21.09 -6.88 -6.80
CA THR B 339 -21.29 -8.33 -6.86
C THR B 339 -20.06 -9.02 -6.30
N TYR B 340 -20.28 -10.08 -5.53
CA TYR B 340 -19.16 -10.84 -5.01
C TYR B 340 -19.32 -12.33 -5.30
N GLN B 341 -18.18 -13.03 -5.26
CA GLN B 341 -18.18 -14.50 -5.33
C GLN B 341 -17.16 -15.05 -4.36
N ILE B 342 -17.56 -16.03 -3.57
CA ILE B 342 -16.64 -16.80 -2.74
C ILE B 342 -16.42 -18.17 -3.39
N TYR B 343 -15.17 -18.53 -3.59
CA TYR B 343 -14.79 -19.75 -4.29
C TYR B 343 -13.45 -20.21 -3.76
N GLN B 344 -13.00 -21.39 -4.21
CA GLN B 344 -11.70 -21.93 -3.83
C GLN B 344 -10.81 -22.28 -5.01
N GLU B 345 -11.39 -22.57 -6.16
CA GLU B 345 -10.73 -22.77 -7.44
C GLU B 345 -11.49 -21.92 -8.44
N PRO B 346 -10.81 -21.38 -9.45
CA PRO B 346 -11.51 -20.53 -10.41
C PRO B 346 -12.78 -21.18 -10.95
N PHE B 347 -13.84 -20.40 -10.99
CA PHE B 347 -15.10 -20.75 -11.66
C PHE B 347 -15.98 -21.70 -10.87
N LYS B 348 -15.61 -22.08 -9.65
CA LYS B 348 -16.41 -22.99 -8.84
C LYS B 348 -16.91 -22.27 -7.58
N ASN B 349 -17.93 -21.43 -7.75
CA ASN B 349 -18.34 -20.53 -6.68
C ASN B 349 -19.15 -21.29 -5.65
N LEU B 350 -18.57 -21.51 -4.47
CA LEU B 350 -19.36 -21.94 -3.30
C LEU B 350 -20.52 -20.97 -3.00
N LYS B 351 -20.39 -19.71 -3.36
CA LYS B 351 -21.41 -18.77 -2.92
C LYS B 351 -21.25 -17.50 -3.73
N THR B 352 -22.36 -16.88 -4.12
CA THR B 352 -22.32 -15.59 -4.79
C THR B 352 -23.50 -14.74 -4.36
N GLY B 353 -23.39 -13.44 -4.62
CA GLY B 353 -24.44 -12.54 -4.18
C GLY B 353 -24.17 -11.12 -4.64
N LYS B 354 -25.00 -10.22 -4.09
CA LYS B 354 -25.03 -8.81 -4.48
C LYS B 354 -25.18 -7.96 -3.24
N TYR B 355 -24.66 -6.74 -3.32
CA TYR B 355 -24.75 -5.77 -2.23
C TYR B 355 -24.88 -4.39 -2.85
N ALA B 356 -25.78 -3.57 -2.30
CA ALA B 356 -25.99 -2.21 -2.81
C ALA B 356 -26.17 -1.24 -1.65
N ARG B 357 -26.11 0.06 -1.97
CA ARG B 357 -26.18 1.14 -0.99
C ARG B 357 -27.45 1.05 -0.13
N HIS B 362 -23.81 10.89 0.34
CA HIS B 362 -23.65 10.45 1.73
C HIS B 362 -22.92 9.09 1.84
N THR B 363 -22.44 8.57 0.70
CA THR B 363 -21.72 7.30 0.64
C THR B 363 -20.74 7.38 -0.53
N ASN B 364 -19.62 6.67 -0.40
CA ASN B 364 -18.64 6.55 -1.47
C ASN B 364 -18.24 5.09 -1.65
N ASP B 365 -17.47 4.85 -2.72
CA ASP B 365 -16.96 3.51 -3.02
C ASP B 365 -16.28 2.86 -1.82
N VAL B 366 -15.32 3.56 -1.20
CA VAL B 366 -14.53 2.93 -0.14
C VAL B 366 -15.42 2.55 1.04
N LYS B 367 -16.40 3.39 1.38
CA LYS B 367 -17.30 3.02 2.46
C LYS B 367 -18.10 1.78 2.10
N GLN B 368 -18.59 1.72 0.86
CA GLN B 368 -19.34 0.56 0.40
C GLN B 368 -18.45 -0.69 0.32
N LEU B 369 -17.26 -0.53 -0.27
CA LEU B 369 -16.37 -1.68 -0.36
C LEU B 369 -16.04 -2.22 1.02
N THR B 370 -15.72 -1.33 1.96
CA THR B 370 -15.42 -1.75 3.33
C THR B 370 -16.59 -2.46 3.97
N GLU B 371 -17.82 -2.07 3.63
CA GLU B 371 -18.98 -2.76 4.20
C GLU B 371 -19.14 -4.15 3.61
N ALA B 372 -18.96 -4.28 2.29
CA ALA B 372 -19.05 -5.60 1.65
C ALA B 372 -18.03 -6.56 2.25
N VAL B 373 -16.78 -6.11 2.39
CA VAL B 373 -15.72 -6.98 2.91
C VAL B 373 -16.08 -7.52 4.29
N GLN B 374 -16.67 -6.68 5.12
CA GLN B 374 -17.06 -7.16 6.45
C GLN B 374 -18.27 -8.08 6.38
N LYS B 375 -19.28 -7.72 5.58
CA LYS B 375 -20.44 -8.59 5.41
C LYS B 375 -20.03 -9.95 4.85
N ILE B 376 -19.21 -9.96 3.81
CA ILE B 376 -18.77 -11.22 3.19
C ILE B 376 -17.98 -12.06 4.18
N THR B 377 -17.18 -11.42 5.03
CA THR B 377 -16.34 -12.17 5.97
C THR B 377 -17.16 -12.84 7.07
N THR B 378 -18.10 -12.12 7.68
CA THR B 378 -18.86 -12.77 8.73
C THR B 378 -19.74 -13.86 8.14
N GLU B 379 -20.27 -13.62 6.93
CA GLU B 379 -20.93 -14.70 6.20
C GLU B 379 -20.00 -15.90 6.10
N SER B 380 -18.81 -15.68 5.55
CA SER B 380 -17.83 -16.75 5.42
C SER B 380 -17.42 -17.35 6.77
N ILE B 381 -17.55 -16.58 7.86
CA ILE B 381 -17.16 -17.11 9.17
C ILE B 381 -18.17 -18.15 9.64
N VAL B 382 -19.47 -17.79 9.64
CA VAL B 382 -20.50 -18.68 10.17
C VAL B 382 -20.55 -19.96 9.36
N ILE B 383 -20.38 -19.86 8.04
CA ILE B 383 -20.60 -20.99 7.15
C ILE B 383 -19.47 -21.99 7.27
N TRP B 384 -18.23 -21.52 7.31
CA TRP B 384 -17.08 -22.41 7.26
C TRP B 384 -16.09 -22.25 8.40
N GLY B 385 -16.24 -21.25 9.26
CA GLY B 385 -15.25 -21.05 10.30
C GLY B 385 -13.90 -20.59 9.79
N LYS B 386 -13.87 -19.98 8.61
CA LYS B 386 -12.64 -19.46 8.05
C LYS B 386 -12.94 -18.09 7.50
N THR B 387 -11.86 -17.33 7.25
CA THR B 387 -11.86 -16.02 6.64
C THR B 387 -11.33 -16.11 5.22
N PRO B 388 -12.00 -15.51 4.25
CA PRO B 388 -11.51 -15.55 2.87
C PRO B 388 -10.44 -14.49 2.61
N LYS B 389 -9.60 -14.79 1.62
CA LYS B 389 -8.59 -13.84 1.15
C LYS B 389 -9.23 -13.03 0.03
N PHE B 390 -9.26 -11.71 0.17
CA PHE B 390 -10.04 -10.88 -0.74
C PHE B 390 -9.22 -10.43 -1.94
N LYS B 391 -9.88 -10.37 -3.10
CA LYS B 391 -9.34 -9.71 -4.28
C LYS B 391 -10.14 -8.44 -4.45
N LEU B 392 -9.48 -7.28 -4.29
CA LEU B 392 -10.20 -6.02 -4.22
C LEU B 392 -9.98 -5.17 -5.48
N PRO B 393 -11.03 -4.57 -5.99
CA PRO B 393 -10.91 -3.77 -7.22
C PRO B 393 -10.60 -2.30 -6.91
N ILE B 394 -9.51 -2.05 -6.20
CA ILE B 394 -9.09 -0.71 -5.79
C ILE B 394 -7.58 -0.68 -5.80
N GLN B 395 -7.01 0.51 -5.89
CA GLN B 395 -5.56 0.64 -5.84
C GLN B 395 -5.08 0.48 -4.40
N LYS B 396 -3.92 -0.15 -4.23
CA LYS B 396 -3.48 -0.50 -2.87
C LYS B 396 -3.29 0.76 -2.03
N GLU B 397 -2.54 1.73 -2.57
CA GLU B 397 -2.34 3.00 -1.87
C GLU B 397 -3.65 3.56 -1.33
N THR B 398 -4.64 3.73 -2.19
CA THR B 398 -5.92 4.31 -1.77
C THR B 398 -6.53 3.54 -0.61
N TRP B 399 -6.58 2.21 -0.72
CA TRP B 399 -7.20 1.39 0.32
C TRP B 399 -6.45 1.53 1.64
N GLU B 400 -5.11 1.54 1.59
CA GLU B 400 -4.34 1.66 2.82
C GLU B 400 -4.65 2.97 3.51
N THR B 401 -5.00 4.01 2.75
CA THR B 401 -5.34 5.31 3.31
C THR B 401 -6.64 5.27 4.11
N TRP B 402 -7.69 4.66 3.56
CA TRP B 402 -9.03 4.89 4.08
C TRP B 402 -9.71 3.68 4.70
N TRP B 403 -9.18 2.46 4.57
CA TRP B 403 -9.96 1.32 5.05
C TRP B 403 -10.26 1.44 6.54
N THR B 404 -9.38 2.12 7.26
CA THR B 404 -9.52 2.27 8.69
C THR B 404 -10.66 3.21 9.07
N GLU B 405 -11.18 3.97 8.11
CA GLU B 405 -12.20 4.96 8.43
C GLU B 405 -13.48 4.31 8.93
N TYR B 406 -13.98 3.30 8.21
CA TYR B 406 -15.25 2.67 8.54
C TYR B 406 -15.10 1.26 9.05
N TRP B 407 -13.87 0.79 9.24
CA TRP B 407 -13.72 -0.55 9.77
C TRP B 407 -14.29 -0.62 11.17
N GLN B 408 -14.96 -1.73 11.49
CA GLN B 408 -15.49 -1.97 12.82
C GLN B 408 -15.17 -3.35 13.38
N ALA B 409 -14.51 -4.21 12.64
CA ALA B 409 -14.27 -5.55 13.15
C ALA B 409 -12.93 -5.63 13.86
N THR B 410 -12.82 -6.59 14.77
CA THR B 410 -11.55 -6.80 15.46
C THR B 410 -10.56 -7.60 14.62
N TRP B 411 -11.04 -8.52 13.77
CA TRP B 411 -10.20 -9.15 12.77
C TRP B 411 -10.00 -8.24 11.57
N VAL B 412 -8.93 -8.53 10.82
CA VAL B 412 -8.72 -7.90 9.53
C VAL B 412 -8.28 -9.05 8.60
N PRO B 413 -8.90 -9.21 7.44
CA PRO B 413 -8.65 -10.39 6.62
C PRO B 413 -7.50 -10.13 5.64
N GLU B 414 -7.02 -11.21 5.04
CA GLU B 414 -6.00 -11.07 4.01
C GLU B 414 -6.63 -10.48 2.75
N TRP B 415 -5.89 -9.62 2.04
CA TRP B 415 -6.43 -9.05 0.82
C TRP B 415 -5.33 -8.68 -0.16
N GLU B 416 -5.74 -8.53 -1.42
CA GLU B 416 -4.84 -8.21 -2.53
C GLU B 416 -5.65 -7.41 -3.55
N PHE B 417 -4.96 -6.86 -4.54
CA PHE B 417 -5.53 -5.84 -5.41
C PHE B 417 -5.49 -6.27 -6.86
N VAL B 418 -6.66 -6.29 -7.49
CA VAL B 418 -6.86 -6.95 -8.79
C VAL B 418 -7.54 -6.01 -9.79
N ASN B 419 -7.37 -6.32 -11.08
CA ASN B 419 -8.09 -5.66 -12.18
C ASN B 419 -9.22 -6.57 -12.65
N THR B 420 -10.47 -6.18 -12.37
CA THR B 420 -11.61 -6.99 -12.81
C THR B 420 -11.69 -7.01 -14.33
N PRO B 421 -11.76 -8.20 -14.95
CA PRO B 421 -11.89 -8.28 -16.40
C PRO B 421 -13.33 -8.03 -16.83
N PRO B 422 -13.55 -7.47 -18.02
CA PRO B 422 -14.90 -6.94 -18.33
C PRO B 422 -15.98 -8.00 -18.35
N LEU B 423 -15.68 -9.20 -18.88
CA LEU B 423 -16.70 -10.25 -18.95
C LEU B 423 -17.15 -10.73 -17.58
N VAL B 424 -16.34 -10.52 -16.54
CA VAL B 424 -16.75 -10.94 -15.20
C VAL B 424 -17.78 -9.98 -14.65
N LYS B 425 -17.58 -8.67 -14.86
CA LYS B 425 -18.59 -7.69 -14.47
C LYS B 425 -19.90 -7.96 -15.21
N LEU B 426 -19.81 -8.13 -16.54
CA LEU B 426 -20.99 -8.31 -17.37
C LEU B 426 -21.78 -9.55 -16.96
N TRP B 427 -21.07 -10.62 -16.62
CA TRP B 427 -21.75 -11.87 -16.29
C TRP B 427 -22.53 -11.77 -15.00
N TYR B 428 -21.91 -11.29 -13.91
CA TYR B 428 -22.64 -11.35 -12.65
C TYR B 428 -23.65 -10.24 -12.48
N GLN B 429 -23.68 -9.24 -13.36
CA GLN B 429 -24.78 -8.28 -13.35
C GLN B 429 -26.12 -8.99 -13.36
N LEU B 430 -26.24 -10.00 -14.23
CA LEU B 430 -27.49 -10.67 -14.56
C LEU B 430 -28.02 -11.54 -13.42
N GLU B 431 -27.46 -11.50 -12.21
CA GLU B 431 -28.14 -12.17 -11.11
C GLU B 431 -29.46 -11.47 -10.82
N LYS B 432 -30.39 -12.20 -10.19
CA LYS B 432 -31.65 -11.63 -9.75
C LYS B 432 -31.50 -11.08 -8.33
N GLU B 433 -32.49 -10.13 -7.94
CA GLU B 433 -32.49 -9.47 -6.63
C GLU B 433 -33.47 -10.15 -5.67
N PRO B 434 -33.13 -10.25 -4.37
CA PRO B 434 -34.04 -10.86 -3.38
C PRO B 434 -35.24 -9.97 -3.04
#